data_4FO8
#
_entry.id   4FO8
#
_cell.length_a   80.651
_cell.length_b   105.664
_cell.length_c   133.155
_cell.angle_alpha   90.000
_cell.angle_beta   90.000
_cell.angle_gamma   90.000
#
_symmetry.space_group_name_H-M   'P 21 21 21'
#
loop_
_entity.id
_entity.type
_entity.pdbx_description
1 polymer 'Methionine aminopeptidase'
2 non-polymer 'MANGANESE (II) ION'
3 non-polymer METHIONINE
4 water water
#
_entity_poly.entity_id   1
_entity_poly.type   'polypeptide(L)'
_entity_poly.pdbx_seq_one_letter_code
;MTVTIKTPDDIEKMRIAGRLAAEVLEMIGEHIKPGVTTEELDRICHDYIVNEQKAIPAPLNYKGFPKSICTSINHVVCHG
IPNEKPLKEGDILNVDITVIKDGYHGDTSKMFLVGKTPEWADRLCQITQECMYKGISVVRPGAHLGDIGEIIQKHAEKNG
FSVVREYCGHGIGKVFHEEPQVLHYGRAGTGIELKEGMIFTIEPMINQGRPETRLLGDGWTAITKDRKLSAQWEHTVLVT
ADGYEILTLRNDETFPRTSAAEFELVDKLAAALEHHHHHH
;
_entity_poly.pdbx_strand_id   A,B,C,D
#
# COMPACT_ATOMS: atom_id res chain seq x y z
N THR A 2 -31.47 4.25 -13.32
CA THR A 2 -30.88 3.50 -12.16
C THR A 2 -31.53 2.13 -11.98
N VAL A 3 -30.69 1.12 -11.82
CA VAL A 3 -31.16 -0.24 -11.59
C VAL A 3 -31.72 -0.32 -10.15
N THR A 4 -32.85 -0.97 -9.92
CA THR A 4 -33.43 -1.08 -8.56
C THR A 4 -32.65 -2.13 -7.75
N ILE A 5 -32.61 -1.95 -6.43
CA ILE A 5 -31.97 -2.90 -5.56
C ILE A 5 -33.08 -3.53 -4.71
N LYS A 6 -33.14 -4.84 -4.61
CA LYS A 6 -34.21 -5.49 -3.84
C LYS A 6 -33.84 -5.54 -2.35
N THR A 7 -34.85 -5.41 -1.47
CA THR A 7 -34.70 -5.58 -0.02
C THR A 7 -34.76 -7.09 0.31
N PRO A 8 -34.38 -7.48 1.55
CA PRO A 8 -34.45 -8.90 1.88
C PRO A 8 -35.86 -9.49 1.78
N ASP A 9 -36.88 -8.69 2.07
CA ASP A 9 -38.23 -9.24 1.93
C ASP A 9 -38.63 -9.49 0.44
N ASP A 10 -38.37 -8.50 -0.43
CA ASP A 10 -38.43 -8.63 -1.90
C ASP A 10 -37.72 -9.92 -2.32
N ILE A 11 -36.50 -10.12 -1.86
CA ILE A 11 -35.75 -11.32 -2.26
C ILE A 11 -36.44 -12.59 -1.83
N GLU A 12 -37.00 -12.64 -0.62
N GLU A 12 -36.99 -12.62 -0.61
CA GLU A 12 -37.70 -13.88 -0.25
CA GLU A 12 -37.72 -13.80 -0.18
C GLU A 12 -38.89 -14.08 -1.19
C GLU A 12 -38.89 -14.06 -1.15
N LYS A 13 -39.55 -12.99 -1.57
CA LYS A 13 -40.70 -13.11 -2.47
C LYS A 13 -40.30 -13.50 -3.92
N MET A 14 -39.16 -12.98 -4.37
CA MET A 14 -38.55 -13.34 -5.66
C MET A 14 -38.14 -14.82 -5.68
N ARG A 15 -37.68 -15.35 -4.53
CA ARG A 15 -37.40 -16.79 -4.42
C ARG A 15 -38.65 -17.60 -4.63
N ILE A 16 -39.77 -17.13 -4.07
CA ILE A 16 -41.01 -17.88 -4.25
C ILE A 16 -41.48 -17.85 -5.70
N ALA A 17 -41.53 -16.68 -6.32
CA ALA A 17 -41.87 -16.52 -7.76
C ALA A 17 -40.98 -17.38 -8.68
N GLY A 18 -39.67 -17.40 -8.39
CA GLY A 18 -38.68 -18.17 -9.21
C GLY A 18 -38.93 -19.66 -9.15
N ARG A 19 -39.18 -20.12 -7.92
CA ARG A 19 -39.40 -21.54 -7.67
C ARG A 19 -40.68 -21.96 -8.38
N LEU A 20 -41.72 -21.11 -8.30
CA LEU A 20 -42.99 -21.43 -9.02
C LEU A 20 -42.78 -21.46 -10.53
N ALA A 21 -42.08 -20.48 -11.05
CA ALA A 21 -41.74 -20.55 -12.51
C ALA A 21 -41.02 -21.85 -12.87
N ALA A 22 -39.97 -22.20 -12.08
CA ALA A 22 -39.26 -23.48 -12.35
C ALA A 22 -40.20 -24.68 -12.29
N GLU A 23 -41.13 -24.67 -11.35
CA GLU A 23 -42.05 -25.79 -11.21
C GLU A 23 -42.97 -25.97 -12.38
N VAL A 24 -43.32 -24.87 -13.10
CA VAL A 24 -44.10 -24.99 -14.34
C VAL A 24 -43.31 -25.77 -15.39
N LEU A 25 -42.02 -25.47 -15.48
CA LEU A 25 -41.16 -26.21 -16.47
C LEU A 25 -40.97 -27.66 -16.06
N GLU A 26 -40.83 -27.90 -14.76
CA GLU A 26 -40.76 -29.33 -14.28
C GLU A 26 -42.04 -30.08 -14.62
N MET A 27 -43.19 -29.43 -14.40
CA MET A 27 -44.51 -30.02 -14.68
C MET A 27 -44.75 -30.33 -16.18
N ILE A 28 -44.33 -29.41 -17.05
CA ILE A 28 -44.73 -29.43 -18.43
C ILE A 28 -43.99 -30.52 -19.22
N GLY A 29 -42.81 -30.93 -18.73
CA GLY A 29 -41.92 -31.85 -19.43
C GLY A 29 -42.65 -33.09 -19.93
N GLU A 30 -43.43 -33.73 -19.06
CA GLU A 30 -44.09 -35.00 -19.45
C GLU A 30 -45.15 -34.86 -20.54
N HIS A 31 -45.61 -33.65 -20.84
CA HIS A 31 -46.62 -33.45 -21.85
C HIS A 31 -46.04 -33.16 -23.23
N ILE A 32 -44.70 -33.03 -23.30
CA ILE A 32 -44.04 -32.62 -24.53
C ILE A 32 -43.73 -33.89 -25.32
N LYS A 33 -44.46 -34.05 -26.42
CA LYS A 33 -44.27 -35.22 -27.29
C LYS A 33 -44.88 -34.95 -28.63
N PRO A 34 -44.53 -35.78 -29.66
CA PRO A 34 -45.14 -35.54 -30.99
C PRO A 34 -46.67 -35.59 -30.90
N GLY A 35 -47.35 -34.68 -31.59
CA GLY A 35 -48.83 -34.61 -31.63
C GLY A 35 -49.46 -33.59 -30.66
N VAL A 36 -48.80 -33.30 -29.56
CA VAL A 36 -49.36 -32.26 -28.62
C VAL A 36 -49.23 -30.91 -29.28
N THR A 37 -50.26 -30.05 -29.20
CA THR A 37 -50.17 -28.72 -29.83
C THR A 37 -49.57 -27.74 -28.84
N THR A 38 -48.96 -26.64 -29.32
CA THR A 38 -48.41 -25.65 -28.36
C THR A 38 -49.59 -24.99 -27.59
N GLU A 39 -50.72 -24.70 -28.25
CA GLU A 39 -51.88 -24.23 -27.46
C GLU A 39 -52.38 -25.17 -26.38
N GLU A 40 -52.30 -26.49 -26.56
N GLU A 40 -52.28 -26.48 -26.60
CA GLU A 40 -52.54 -27.39 -25.43
CA GLU A 40 -52.50 -27.45 -25.53
C GLU A 40 -51.50 -27.22 -24.31
C GLU A 40 -51.50 -27.29 -24.36
N LEU A 41 -50.22 -27.11 -24.65
CA LEU A 41 -49.20 -26.84 -23.58
C LEU A 41 -49.52 -25.52 -22.89
N ASP A 42 -49.99 -24.54 -23.67
CA ASP A 42 -50.31 -23.24 -23.12
C ASP A 42 -51.44 -23.33 -22.08
N ARG A 43 -52.49 -24.05 -22.45
CA ARG A 43 -53.62 -24.22 -21.59
C ARG A 43 -53.24 -25.01 -20.34
N ILE A 44 -52.50 -26.10 -20.50
CA ILE A 44 -52.04 -26.82 -19.33
C ILE A 44 -51.20 -25.94 -18.34
N CYS A 45 -50.25 -25.19 -18.86
CA CYS A 45 -49.42 -24.31 -18.01
C CYS A 45 -50.32 -23.22 -17.43
N HIS A 46 -51.19 -22.61 -18.25
CA HIS A 46 -52.11 -21.57 -17.71
C HIS A 46 -52.89 -22.12 -16.49
N ASP A 47 -53.48 -23.31 -16.65
CA ASP A 47 -54.32 -23.83 -15.59
C ASP A 47 -53.49 -24.17 -14.34
N TYR A 48 -52.28 -24.68 -14.55
CA TYR A 48 -51.41 -25.01 -13.41
C TYR A 48 -51.06 -23.75 -12.58
N ILE A 49 -50.64 -22.75 -13.31
CA ILE A 49 -50.26 -21.46 -12.69
C ILE A 49 -51.48 -20.86 -11.95
N VAL A 50 -52.63 -20.72 -12.63
CA VAL A 50 -53.76 -20.01 -12.03
C VAL A 50 -54.43 -20.84 -10.90
N ASN A 51 -54.69 -22.13 -11.19
CA ASN A 51 -55.47 -22.99 -10.28
C ASN A 51 -54.64 -23.63 -9.20
N GLU A 52 -53.42 -24.03 -9.53
CA GLU A 52 -52.62 -24.80 -8.59
C GLU A 52 -51.55 -24.00 -7.85
N GLN A 53 -50.95 -23.00 -8.52
CA GLN A 53 -49.97 -22.19 -7.90
C GLN A 53 -50.63 -20.93 -7.29
N LYS A 54 -51.90 -20.69 -7.57
CA LYS A 54 -52.53 -19.40 -7.12
C LYS A 54 -51.64 -18.17 -7.58
N ALA A 55 -51.19 -18.25 -8.82
CA ALA A 55 -50.34 -17.19 -9.42
C ALA A 55 -50.93 -16.74 -10.77
N ILE A 56 -50.18 -15.95 -11.56
CA ILE A 56 -50.70 -15.40 -12.82
C ILE A 56 -49.61 -15.55 -13.89
N PRO A 57 -49.96 -16.00 -15.09
CA PRO A 57 -48.95 -15.98 -16.15
C PRO A 57 -48.74 -14.56 -16.69
N ALA A 58 -47.53 -14.05 -16.46
CA ALA A 58 -47.19 -12.68 -16.73
C ALA A 58 -47.32 -12.31 -18.21
N PRO A 59 -47.08 -13.28 -19.16
CA PRO A 59 -47.19 -12.84 -20.59
C PRO A 59 -48.61 -12.55 -21.05
N LEU A 60 -49.59 -13.14 -20.39
CA LEU A 60 -50.97 -12.94 -20.78
C LEU A 60 -51.41 -11.45 -20.81
N ASN A 61 -51.78 -11.03 -22.02
CA ASN A 61 -52.19 -9.69 -22.34
C ASN A 61 -51.10 -8.62 -22.17
N TYR A 62 -49.87 -9.08 -21.98
CA TYR A 62 -48.75 -8.19 -21.75
C TYR A 62 -48.38 -7.58 -23.10
N LYS A 63 -48.52 -6.25 -23.21
CA LYS A 63 -48.41 -5.53 -24.47
C LYS A 63 -49.17 -6.22 -25.63
N GLY A 64 -50.33 -6.76 -25.35
CA GLY A 64 -51.08 -7.37 -26.41
C GLY A 64 -50.78 -8.85 -26.58
N PHE A 65 -49.75 -9.40 -25.94
CA PHE A 65 -49.48 -10.82 -26.22
C PHE A 65 -50.71 -11.69 -25.87
N PRO A 66 -51.08 -12.66 -26.75
CA PRO A 66 -52.41 -13.25 -26.52
C PRO A 66 -52.45 -14.56 -25.72
N LYS A 67 -51.29 -15.04 -25.27
CA LYS A 67 -51.23 -16.33 -24.60
C LYS A 67 -50.51 -16.24 -23.23
N SER A 68 -50.37 -17.37 -22.55
CA SER A 68 -49.84 -17.43 -21.22
C SER A 68 -48.35 -17.75 -21.16
N ILE A 69 -47.82 -18.34 -22.25
CA ILE A 69 -46.41 -18.82 -22.31
C ILE A 69 -45.94 -18.47 -23.70
N CYS A 70 -44.59 -18.46 -23.94
CA CYS A 70 -44.10 -18.50 -25.32
C CYS A 70 -43.60 -19.90 -25.69
N THR A 71 -43.84 -20.31 -26.92
CA THR A 71 -43.39 -21.59 -27.47
C THR A 71 -42.75 -21.33 -28.81
N SER A 72 -41.42 -21.52 -28.85
CA SER A 72 -40.61 -21.21 -30.01
C SER A 72 -40.00 -22.48 -30.54
N ILE A 73 -40.32 -22.78 -31.80
CA ILE A 73 -39.89 -24.05 -32.34
C ILE A 73 -38.85 -23.85 -33.47
N ASN A 74 -37.77 -24.66 -33.45
CA ASN A 74 -36.86 -24.70 -34.64
C ASN A 74 -36.20 -23.34 -34.91
N HIS A 75 -36.52 -22.74 -36.06
CA HIS A 75 -35.92 -21.53 -36.51
C HIS A 75 -36.58 -20.38 -35.89
N VAL A 76 -37.65 -20.58 -35.14
CA VAL A 76 -38.19 -19.44 -34.36
C VAL A 76 -37.19 -19.09 -33.22
N VAL A 77 -36.87 -17.82 -33.08
CA VAL A 77 -35.83 -17.39 -32.11
C VAL A 77 -36.48 -17.17 -30.70
N CYS A 78 -37.66 -16.57 -30.70
CA CYS A 78 -38.32 -16.26 -29.47
C CYS A 78 -39.71 -15.78 -29.67
N HIS A 79 -40.46 -15.83 -28.55
CA HIS A 79 -41.81 -15.16 -28.48
C HIS A 79 -42.82 -15.79 -29.40
N GLY A 80 -42.64 -17.10 -29.68
CA GLY A 80 -43.64 -17.83 -30.47
C GLY A 80 -45.00 -17.90 -29.77
N ILE A 81 -46.07 -17.68 -30.54
CA ILE A 81 -47.38 -17.68 -29.99
C ILE A 81 -47.95 -19.12 -30.07
N PRO A 82 -48.29 -19.75 -28.93
CA PRO A 82 -48.86 -21.10 -28.93
C PRO A 82 -50.07 -21.18 -29.89
N ASN A 83 -50.21 -22.28 -30.59
CA ASN A 83 -51.29 -22.35 -31.57
C ASN A 83 -51.61 -23.82 -31.81
N GLU A 84 -52.37 -24.11 -32.88
CA GLU A 84 -52.95 -25.41 -33.06
C GLU A 84 -51.98 -26.35 -33.77
N LYS A 85 -50.79 -25.88 -34.12
CA LYS A 85 -49.82 -26.80 -34.83
C LYS A 85 -49.29 -27.84 -33.88
N PRO A 86 -49.34 -29.15 -34.27
CA PRO A 86 -48.74 -30.12 -33.34
C PRO A 86 -47.20 -30.08 -33.39
N LEU A 87 -46.57 -30.45 -32.27
CA LEU A 87 -45.13 -30.76 -32.21
C LEU A 87 -44.92 -31.95 -33.14
N LYS A 88 -43.79 -31.90 -33.84
CA LYS A 88 -43.38 -32.94 -34.80
C LYS A 88 -42.09 -33.57 -34.33
N GLU A 89 -42.01 -34.88 -34.54
CA GLU A 89 -40.75 -35.60 -34.39
C GLU A 89 -39.65 -34.80 -35.03
N GLY A 90 -38.55 -34.62 -34.32
CA GLY A 90 -37.48 -33.78 -34.80
C GLY A 90 -37.46 -32.29 -34.38
N ASP A 91 -38.52 -31.78 -33.74
CA ASP A 91 -38.53 -30.39 -33.31
C ASP A 91 -37.60 -30.13 -32.12
N ILE A 92 -37.07 -28.90 -32.05
CA ILE A 92 -36.58 -28.37 -30.79
C ILE A 92 -37.53 -27.26 -30.38
N LEU A 93 -37.81 -27.18 -29.09
CA LEU A 93 -38.89 -26.33 -28.60
C LEU A 93 -38.38 -25.62 -27.37
N ASN A 94 -38.49 -24.30 -27.36
CA ASN A 94 -38.28 -23.53 -26.15
C ASN A 94 -39.63 -23.27 -25.48
N VAL A 95 -39.78 -23.60 -24.18
CA VAL A 95 -40.98 -23.16 -23.41
C VAL A 95 -40.48 -22.05 -22.46
N ASP A 96 -41.06 -20.82 -22.61
CA ASP A 96 -40.62 -19.67 -21.83
C ASP A 96 -41.84 -19.34 -20.92
N ILE A 97 -41.58 -19.37 -19.62
CA ILE A 97 -42.55 -19.19 -18.53
C ILE A 97 -42.23 -17.88 -17.82
N THR A 98 -43.24 -17.08 -17.54
CA THR A 98 -43.01 -16.15 -16.41
C THR A 98 -44.27 -16.17 -15.56
N VAL A 99 -44.04 -16.30 -14.27
CA VAL A 99 -45.11 -16.31 -13.24
C VAL A 99 -44.96 -15.03 -12.41
N ILE A 100 -46.11 -14.41 -12.12
CA ILE A 100 -46.20 -13.40 -11.08
C ILE A 100 -46.90 -13.98 -9.90
N LYS A 101 -46.21 -13.93 -8.76
CA LYS A 101 -46.73 -14.39 -7.51
C LYS A 101 -46.78 -13.23 -6.54
N ASP A 102 -47.99 -12.82 -6.18
CA ASP A 102 -48.22 -11.68 -5.27
C ASP A 102 -47.41 -10.49 -5.71
N GLY A 103 -47.38 -10.24 -7.02
CA GLY A 103 -46.73 -9.09 -7.50
C GLY A 103 -45.30 -9.28 -7.99
N TYR A 104 -44.67 -10.39 -7.64
CA TYR A 104 -43.27 -10.58 -8.01
C TYR A 104 -43.14 -11.57 -9.18
N HIS A 105 -42.12 -11.36 -9.97
CA HIS A 105 -41.99 -12.10 -11.26
C HIS A 105 -40.85 -13.11 -11.19
N GLY A 106 -41.08 -14.29 -11.76
CA GLY A 106 -39.99 -15.30 -11.98
C GLY A 106 -40.04 -15.76 -13.45
N ASP A 107 -38.89 -15.67 -14.14
CA ASP A 107 -38.83 -15.71 -15.58
C ASP A 107 -37.76 -16.76 -15.93
N THR A 108 -38.16 -17.80 -16.66
CA THR A 108 -37.25 -18.89 -17.00
C THR A 108 -37.72 -19.68 -18.22
N SER A 109 -36.78 -20.25 -18.98
CA SER A 109 -37.15 -21.10 -20.11
C SER A 109 -36.20 -22.23 -20.26
N LYS A 110 -36.64 -23.23 -21.04
CA LYS A 110 -35.77 -24.39 -21.30
C LYS A 110 -36.07 -24.96 -22.66
N MET A 111 -35.06 -25.67 -23.20
CA MET A 111 -35.18 -26.43 -24.47
C MET A 111 -35.64 -27.83 -24.23
N PHE A 112 -36.46 -28.31 -25.18
CA PHE A 112 -36.87 -29.70 -25.24
C PHE A 112 -36.53 -30.25 -26.60
N LEU A 113 -36.06 -31.49 -26.64
CA LEU A 113 -35.76 -32.13 -27.93
C LEU A 113 -36.91 -33.11 -28.16
N VAL A 114 -37.65 -32.98 -29.26
CA VAL A 114 -38.84 -33.85 -29.49
C VAL A 114 -38.41 -35.06 -30.39
N GLY A 115 -38.27 -36.22 -29.74
CA GLY A 115 -37.92 -37.43 -30.48
C GLY A 115 -36.50 -37.34 -31.03
N LYS A 116 -36.32 -37.95 -32.18
CA LYS A 116 -35.04 -37.92 -32.91
C LYS A 116 -34.81 -36.53 -33.55
N THR A 117 -33.83 -35.80 -33.05
CA THR A 117 -33.61 -34.48 -33.56
C THR A 117 -32.44 -34.51 -34.56
N PRO A 118 -32.47 -33.60 -35.56
CA PRO A 118 -31.39 -33.47 -36.58
C PRO A 118 -30.06 -33.46 -35.84
N GLU A 119 -28.97 -33.95 -36.41
CA GLU A 119 -27.84 -34.26 -35.46
C GLU A 119 -27.10 -33.06 -34.84
N TRP A 120 -27.12 -31.90 -35.43
N TRP A 120 -27.10 -31.92 -35.52
CA TRP A 120 -26.39 -30.88 -34.65
CA TRP A 120 -26.51 -30.72 -34.92
C TRP A 120 -27.39 -29.90 -33.89
C TRP A 120 -27.30 -30.33 -33.63
N ALA A 121 -28.63 -30.37 -33.78
CA ALA A 121 -29.61 -29.68 -32.95
C ALA A 121 -29.38 -29.91 -31.47
N ASP A 122 -29.08 -31.13 -31.04
CA ASP A 122 -28.88 -31.31 -29.58
C ASP A 122 -27.72 -30.49 -29.06
N ARG A 123 -26.61 -30.51 -29.79
CA ARG A 123 -25.41 -29.71 -29.37
C ARG A 123 -25.65 -28.19 -29.40
N LEU A 124 -26.34 -27.67 -30.41
CA LEU A 124 -26.80 -26.29 -30.32
C LEU A 124 -27.47 -26.02 -28.89
N CYS A 125 -28.43 -26.84 -28.54
CA CYS A 125 -29.17 -26.64 -27.31
C CYS A 125 -28.21 -26.78 -26.09
N GLN A 126 -27.29 -27.77 -26.12
CA GLN A 126 -26.41 -27.99 -24.98
C GLN A 126 -25.46 -26.79 -24.89
N ILE A 127 -24.93 -26.33 -26.03
CA ILE A 127 -23.93 -25.21 -25.98
C ILE A 127 -24.64 -23.93 -25.48
N THR A 128 -25.87 -23.75 -25.91
CA THR A 128 -26.65 -22.56 -25.47
C THR A 128 -26.85 -22.58 -23.94
N GLN A 129 -27.16 -23.75 -23.36
CA GLN A 129 -27.31 -23.85 -21.92
C GLN A 129 -25.97 -23.57 -21.20
N GLU A 130 -24.86 -24.14 -21.71
CA GLU A 130 -23.51 -23.81 -21.28
C GLU A 130 -23.21 -22.32 -21.32
N CYS A 131 -23.54 -21.65 -22.43
CA CYS A 131 -23.42 -20.18 -22.56
C CYS A 131 -24.14 -19.47 -21.41
N MET A 132 -25.39 -19.91 -21.15
CA MET A 132 -26.15 -19.32 -20.03
C MET A 132 -25.49 -19.52 -18.69
N TYR A 133 -25.06 -20.74 -18.41
CA TYR A 133 -24.36 -21.04 -17.19
C TYR A 133 -23.05 -20.25 -16.99
N LYS A 134 -22.25 -20.14 -18.05
CA LYS A 134 -21.02 -19.31 -18.03
C LYS A 134 -21.33 -17.82 -17.73
N GLY A 135 -22.36 -17.27 -18.35
CA GLY A 135 -22.87 -15.96 -17.95
C GLY A 135 -23.24 -15.81 -16.50
N ILE A 136 -24.00 -16.78 -15.98
CA ILE A 136 -24.34 -16.76 -14.59
C ILE A 136 -23.02 -16.77 -13.73
N SER A 137 -22.07 -17.64 -14.08
CA SER A 137 -20.85 -17.89 -13.29
C SER A 137 -19.99 -16.62 -13.05
N VAL A 138 -20.12 -15.57 -13.89
CA VAL A 138 -19.34 -14.33 -13.65
C VAL A 138 -20.08 -13.24 -12.86
N VAL A 139 -21.31 -13.56 -12.43
CA VAL A 139 -22.15 -12.62 -11.69
C VAL A 139 -21.70 -12.55 -10.22
N ARG A 140 -21.35 -11.36 -9.76
CA ARG A 140 -21.05 -11.09 -8.33
C ARG A 140 -20.96 -9.55 -8.29
N PRO A 141 -21.03 -8.95 -7.08
CA PRO A 141 -20.85 -7.48 -7.05
C PRO A 141 -19.51 -7.04 -7.60
N GLY A 142 -19.44 -5.93 -8.29
CA GLY A 142 -18.21 -5.59 -8.94
C GLY A 142 -18.03 -6.13 -10.36
N ALA A 143 -18.74 -7.20 -10.75
CA ALA A 143 -18.62 -7.59 -12.16
C ALA A 143 -19.29 -6.53 -13.00
N HIS A 144 -18.98 -6.54 -14.31
CA HIS A 144 -19.63 -5.69 -15.31
C HIS A 144 -20.57 -6.52 -16.18
N LEU A 145 -21.64 -5.90 -16.66
CA LEU A 145 -22.60 -6.58 -17.61
C LEU A 145 -21.85 -7.10 -18.82
N GLY A 146 -20.92 -6.30 -19.36
CA GLY A 146 -19.95 -6.81 -20.35
C GLY A 146 -19.30 -8.17 -20.09
N ASP A 147 -19.04 -8.53 -18.82
CA ASP A 147 -18.43 -9.80 -18.52
C ASP A 147 -19.37 -10.93 -18.95
N ILE A 148 -20.68 -10.66 -18.86
CA ILE A 148 -21.69 -11.71 -19.21
C ILE A 148 -21.70 -11.91 -20.72
N GLY A 149 -21.83 -10.80 -21.43
CA GLY A 149 -21.79 -10.72 -22.85
C GLY A 149 -20.57 -11.41 -23.43
N GLU A 150 -19.40 -11.08 -22.90
CA GLU A 150 -18.18 -11.64 -23.47
C GLU A 150 -18.10 -13.16 -23.30
N ILE A 151 -18.32 -13.67 -22.08
CA ILE A 151 -18.14 -15.11 -21.87
C ILE A 151 -19.15 -15.89 -22.75
N ILE A 152 -20.38 -15.38 -22.89
CA ILE A 152 -21.38 -16.09 -23.72
C ILE A 152 -20.92 -16.11 -25.17
N GLN A 153 -20.52 -14.95 -25.65
CA GLN A 153 -20.23 -14.82 -27.05
C GLN A 153 -19.01 -15.69 -27.44
N LYS A 154 -18.00 -15.78 -26.56
CA LYS A 154 -16.83 -16.52 -26.88
C LYS A 154 -17.18 -18.02 -26.97
N HIS A 155 -18.04 -18.50 -26.06
CA HIS A 155 -18.37 -19.91 -26.11
C HIS A 155 -19.24 -20.26 -27.34
N ALA A 156 -20.23 -19.40 -27.65
CA ALA A 156 -21.06 -19.58 -28.84
C ALA A 156 -20.19 -19.60 -30.12
N GLU A 157 -19.33 -18.59 -30.25
CA GLU A 157 -18.57 -18.45 -31.50
C GLU A 157 -17.48 -19.55 -31.65
N LYS A 158 -16.87 -19.97 -30.54
CA LYS A 158 -15.94 -21.09 -30.59
C LYS A 158 -16.63 -22.32 -31.23
N ASN A 159 -17.94 -22.47 -30.97
CA ASN A 159 -18.72 -23.61 -31.49
C ASN A 159 -19.37 -23.35 -32.81
N GLY A 160 -18.98 -22.25 -33.43
CA GLY A 160 -19.45 -21.92 -34.74
C GLY A 160 -20.85 -21.31 -34.78
N PHE A 161 -21.36 -20.91 -33.61
CA PHE A 161 -22.70 -20.34 -33.55
C PHE A 161 -22.65 -18.81 -33.35
N SER A 162 -23.77 -18.12 -33.50
CA SER A 162 -23.74 -16.65 -33.31
C SER A 162 -24.75 -16.25 -32.25
N VAL A 163 -24.50 -15.10 -31.62
CA VAL A 163 -25.39 -14.64 -30.55
C VAL A 163 -26.38 -13.64 -31.15
N VAL A 164 -27.66 -13.83 -30.84
CA VAL A 164 -28.65 -12.88 -31.25
C VAL A 164 -28.46 -11.53 -30.49
N ARG A 165 -28.41 -10.45 -31.27
CA ARG A 165 -28.14 -9.10 -30.73
C ARG A 165 -29.37 -8.24 -30.52
N GLU A 166 -30.46 -8.56 -31.22
CA GLU A 166 -31.67 -7.74 -31.25
C GLU A 166 -32.58 -7.97 -30.05
N TYR A 167 -32.20 -8.89 -29.17
CA TYR A 167 -32.96 -9.20 -27.95
C TYR A 167 -31.98 -9.32 -26.76
N CYS A 168 -32.48 -9.11 -25.54
CA CYS A 168 -31.58 -9.13 -24.40
C CYS A 168 -32.30 -9.59 -23.13
N GLY A 169 -31.53 -9.89 -22.10
CA GLY A 169 -32.06 -10.17 -20.77
C GLY A 169 -32.38 -8.81 -20.11
N HIS A 170 -32.88 -8.80 -18.88
CA HIS A 170 -33.45 -7.51 -18.34
C HIS A 170 -33.55 -7.64 -16.83
N GLY A 171 -33.42 -6.52 -16.11
CA GLY A 171 -33.91 -6.45 -14.76
C GLY A 171 -35.36 -7.00 -14.64
N ILE A 172 -35.69 -7.53 -13.47
CA ILE A 172 -37.00 -8.06 -13.24
C ILE A 172 -37.21 -7.97 -11.72
N GLY A 173 -38.45 -7.86 -11.25
CA GLY A 173 -38.74 -7.79 -9.85
C GLY A 173 -40.26 -7.75 -9.65
N LYS A 174 -40.72 -6.66 -9.04
CA LYS A 174 -42.18 -6.40 -9.03
C LYS A 174 -42.66 -5.90 -10.42
N VAL A 175 -41.72 -5.64 -11.34
CA VAL A 175 -42.06 -5.38 -12.74
C VAL A 175 -41.41 -6.45 -13.65
N PHE A 176 -42.09 -6.75 -14.76
CA PHE A 176 -41.67 -7.82 -15.74
C PHE A 176 -40.30 -7.41 -16.38
N HIS A 177 -40.20 -6.17 -16.87
CA HIS A 177 -38.98 -5.71 -17.58
C HIS A 177 -38.50 -4.40 -17.01
N GLU A 178 -37.38 -4.41 -16.29
CA GLU A 178 -36.85 -3.15 -15.80
C GLU A 178 -35.38 -3.08 -16.15
N GLU A 179 -34.73 -1.96 -15.82
CA GLU A 179 -33.26 -1.79 -16.01
C GLU A 179 -32.52 -2.91 -15.30
N PRO A 180 -31.37 -3.35 -15.89
CA PRO A 180 -30.70 -2.89 -17.15
C PRO A 180 -30.93 -3.89 -18.30
N GLN A 181 -30.59 -3.49 -19.53
CA GLN A 181 -30.56 -4.38 -20.65
C GLN A 181 -29.40 -5.34 -20.43
N VAL A 182 -29.60 -6.67 -20.54
CA VAL A 182 -28.50 -7.64 -20.30
C VAL A 182 -28.16 -8.20 -21.70
N LEU A 183 -27.17 -7.58 -22.37
CA LEU A 183 -26.74 -8.06 -23.69
C LEU A 183 -25.95 -9.38 -23.53
N HIS A 184 -26.18 -10.29 -24.49
CA HIS A 184 -25.51 -11.61 -24.48
C HIS A 184 -24.23 -11.63 -25.33
N TYR A 185 -23.83 -10.45 -25.81
CA TYR A 185 -22.53 -10.27 -26.45
C TYR A 185 -21.83 -9.03 -25.87
N GLY A 186 -20.53 -8.92 -26.09
CA GLY A 186 -19.82 -7.70 -25.74
C GLY A 186 -18.46 -7.99 -25.13
N ARG A 187 -17.96 -7.04 -24.33
CA ARG A 187 -16.57 -7.00 -23.92
C ARG A 187 -16.41 -6.92 -22.38
N ALA A 188 -15.66 -7.85 -21.81
CA ALA A 188 -15.36 -7.94 -20.39
C ALA A 188 -15.03 -6.59 -19.78
N GLY A 189 -15.45 -6.38 -18.56
CA GLY A 189 -15.08 -5.13 -17.80
C GLY A 189 -15.60 -3.78 -18.31
N THR A 190 -16.66 -3.83 -19.13
CA THR A 190 -17.39 -2.64 -19.58
C THR A 190 -18.90 -2.74 -19.24
N GLY A 191 -19.56 -1.59 -19.28
CA GLY A 191 -20.97 -1.48 -18.99
C GLY A 191 -21.22 -1.27 -17.54
N ILE A 192 -22.48 -1.56 -17.14
CA ILE A 192 -22.94 -1.32 -15.78
C ILE A 192 -22.25 -2.28 -14.85
N GLU A 193 -21.85 -1.79 -13.68
CA GLU A 193 -21.30 -2.63 -12.71
C GLU A 193 -22.42 -3.15 -11.81
N LEU A 194 -22.36 -4.45 -11.48
CA LEU A 194 -23.40 -5.14 -10.71
C LEU A 194 -23.26 -4.87 -9.23
N LYS A 195 -24.37 -4.87 -8.52
CA LYS A 195 -24.35 -4.65 -7.07
C LYS A 195 -25.18 -5.69 -6.36
N GLU A 196 -24.82 -6.01 -5.12
CA GLU A 196 -25.58 -7.00 -4.33
C GLU A 196 -27.06 -6.56 -4.27
N GLY A 197 -28.00 -7.50 -4.48
CA GLY A 197 -29.43 -7.16 -4.53
C GLY A 197 -30.03 -6.81 -5.90
N MET A 198 -29.21 -6.70 -6.95
CA MET A 198 -29.85 -6.61 -8.28
C MET A 198 -30.38 -8.02 -8.64
N ILE A 199 -31.49 -8.05 -9.41
CA ILE A 199 -32.04 -9.29 -9.98
C ILE A 199 -32.31 -9.03 -11.44
N PHE A 200 -31.82 -9.90 -12.32
CA PHE A 200 -32.02 -9.76 -13.75
C PHE A 200 -31.98 -11.13 -14.40
N THR A 201 -32.37 -11.16 -15.68
CA THR A 201 -32.37 -12.42 -16.43
C THR A 201 -31.12 -12.56 -17.28
N ILE A 202 -30.72 -13.79 -17.51
CA ILE A 202 -29.74 -14.12 -18.55
C ILE A 202 -30.46 -15.14 -19.42
N GLU A 203 -30.60 -14.81 -20.70
CA GLU A 203 -31.54 -15.54 -21.61
C GLU A 203 -30.96 -15.50 -23.01
N PRO A 204 -29.74 -16.07 -23.16
CA PRO A 204 -29.11 -15.92 -24.48
C PRO A 204 -29.90 -16.67 -25.57
N MET A 205 -30.07 -16.07 -26.74
CA MET A 205 -30.59 -16.73 -27.95
C MET A 205 -29.39 -16.98 -28.89
N ILE A 206 -29.15 -18.26 -29.23
CA ILE A 206 -27.94 -18.61 -29.96
C ILE A 206 -28.37 -19.28 -31.27
N ASN A 207 -27.79 -18.81 -32.38
CA ASN A 207 -28.25 -19.28 -33.67
C ASN A 207 -27.21 -20.16 -34.26
N GLN A 208 -27.68 -21.13 -35.02
CA GLN A 208 -26.77 -22.02 -35.68
C GLN A 208 -25.96 -21.27 -36.76
N GLY A 209 -26.60 -20.35 -37.51
CA GLY A 209 -25.91 -19.66 -38.56
C GLY A 209 -25.67 -18.24 -38.15
N ARG A 210 -26.24 -17.31 -38.94
CA ARG A 210 -26.00 -15.84 -38.75
C ARG A 210 -26.93 -15.31 -37.67
N PRO A 211 -26.57 -14.15 -37.04
CA PRO A 211 -27.32 -13.71 -35.85
C PRO A 211 -28.62 -12.96 -36.14
N GLU A 212 -28.78 -12.47 -37.38
CA GLU A 212 -29.95 -11.64 -37.76
C GLU A 212 -31.29 -12.40 -37.68
N THR A 213 -32.31 -11.67 -37.20
CA THR A 213 -33.63 -12.23 -37.02
C THR A 213 -34.60 -11.42 -37.90
N ARG A 214 -35.79 -11.96 -38.12
CA ARG A 214 -36.85 -11.27 -38.89
C ARG A 214 -38.12 -11.43 -38.04
N LEU A 215 -38.98 -10.40 -37.98
CA LEU A 215 -40.22 -10.49 -37.19
C LEU A 215 -41.37 -10.94 -38.06
N LEU A 216 -42.17 -11.92 -37.64
CA LEU A 216 -43.35 -12.21 -38.47
C LEU A 216 -44.47 -11.16 -38.30
N GLY A 217 -45.48 -11.30 -39.17
CA GLY A 217 -46.68 -10.48 -39.17
C GLY A 217 -47.46 -10.39 -37.87
N ASP A 218 -47.25 -11.31 -36.94
CA ASP A 218 -48.09 -11.30 -35.72
C ASP A 218 -47.59 -10.29 -34.69
N GLY A 219 -46.53 -9.55 -35.07
CA GLY A 219 -45.76 -8.64 -34.22
C GLY A 219 -44.92 -9.27 -33.08
N TRP A 220 -44.82 -10.59 -33.00
CA TRP A 220 -44.18 -11.22 -31.87
C TRP A 220 -43.09 -12.28 -32.27
N THR A 221 -43.49 -13.20 -33.13
CA THR A 221 -42.68 -14.34 -33.47
C THR A 221 -41.46 -13.87 -34.26
N ALA A 222 -40.28 -14.07 -33.69
CA ALA A 222 -39.05 -13.74 -34.40
C ALA A 222 -38.46 -15.02 -34.93
N ILE A 223 -37.93 -14.97 -36.15
CA ILE A 223 -37.30 -16.17 -36.72
C ILE A 223 -35.88 -15.78 -37.17
N THR A 224 -35.02 -16.78 -37.38
CA THR A 224 -33.69 -16.53 -37.93
C THR A 224 -33.88 -16.12 -39.38
N LYS A 225 -33.19 -15.06 -39.79
CA LYS A 225 -33.28 -14.62 -41.19
C LYS A 225 -32.81 -15.73 -42.14
N ASP A 226 -31.84 -16.56 -41.70
CA ASP A 226 -31.27 -17.54 -42.63
C ASP A 226 -31.96 -18.91 -42.45
N ARG A 227 -32.94 -18.95 -41.52
CA ARG A 227 -33.79 -20.12 -41.30
C ARG A 227 -33.11 -21.31 -40.68
N LYS A 228 -31.92 -21.13 -40.10
CA LYS A 228 -31.27 -22.19 -39.38
C LYS A 228 -31.87 -22.18 -37.95
N LEU A 229 -31.48 -23.17 -37.16
CA LEU A 229 -32.07 -23.37 -35.82
C LEU A 229 -31.56 -22.28 -34.84
N SER A 230 -32.36 -21.98 -33.83
CA SER A 230 -31.97 -21.01 -32.80
C SER A 230 -32.43 -21.67 -31.50
N ALA A 231 -31.59 -21.61 -30.46
CA ALA A 231 -31.97 -22.05 -29.14
C ALA A 231 -31.76 -20.98 -28.07
N GLN A 232 -32.51 -21.15 -26.99
CA GLN A 232 -32.48 -20.22 -25.89
C GLN A 232 -32.66 -21.00 -24.54
N TRP A 233 -31.98 -20.55 -23.50
CA TRP A 233 -32.33 -20.94 -22.12
C TRP A 233 -32.32 -19.67 -21.27
N GLU A 234 -33.03 -19.66 -20.13
CA GLU A 234 -33.21 -18.42 -19.38
C GLU A 234 -33.33 -18.76 -17.90
N HIS A 235 -32.63 -17.99 -17.05
CA HIS A 235 -32.89 -18.02 -15.62
C HIS A 235 -32.96 -16.58 -15.07
N THR A 236 -33.63 -16.46 -13.94
CA THR A 236 -33.64 -15.24 -13.14
C THR A 236 -32.48 -15.35 -12.12
N VAL A 237 -31.67 -14.32 -12.01
CA VAL A 237 -30.42 -14.39 -11.25
C VAL A 237 -30.33 -13.23 -10.24
N LEU A 238 -30.07 -13.57 -9.01
CA LEU A 238 -29.88 -12.60 -7.91
C LEU A 238 -28.37 -12.41 -7.74
N VAL A 239 -27.93 -11.16 -7.66
CA VAL A 239 -26.54 -10.86 -7.23
C VAL A 239 -26.46 -10.93 -5.70
N THR A 240 -25.63 -11.84 -5.16
CA THR A 240 -25.57 -12.01 -3.69
C THR A 240 -24.36 -11.20 -3.17
N ALA A 241 -23.98 -11.39 -1.88
CA ALA A 241 -22.86 -10.65 -1.29
C ALA A 241 -21.57 -10.86 -2.07
N ASP A 242 -21.26 -12.10 -2.45
CA ASP A 242 -20.03 -12.27 -3.26
C ASP A 242 -20.16 -13.12 -4.55
N GLY A 243 -21.41 -13.39 -5.02
CA GLY A 243 -21.58 -14.14 -6.27
C GLY A 243 -23.03 -14.14 -6.73
N TYR A 244 -23.59 -15.30 -7.00
CA TYR A 244 -24.93 -15.29 -7.71
C TYR A 244 -25.86 -16.27 -7.01
N GLU A 245 -27.16 -16.12 -7.24
CA GLU A 245 -28.10 -17.13 -6.78
C GLU A 245 -29.13 -17.24 -7.90
N ILE A 246 -29.34 -18.45 -8.39
CA ILE A 246 -30.32 -18.75 -9.48
C ILE A 246 -31.70 -19.06 -8.88
N LEU A 247 -32.57 -18.11 -9.03
CA LEU A 247 -33.86 -18.17 -8.37
C LEU A 247 -34.78 -19.18 -9.02
N THR A 248 -34.53 -19.51 -10.31
CA THR A 248 -35.44 -20.39 -11.06
C THR A 248 -34.84 -21.77 -11.35
N LEU A 249 -33.87 -22.19 -10.54
CA LEU A 249 -33.24 -23.51 -10.72
C LEU A 249 -34.28 -24.62 -10.65
N ARG A 250 -34.15 -25.58 -11.52
CA ARG A 250 -35.00 -26.74 -11.46
C ARG A 250 -34.33 -27.89 -10.73
N ASN A 251 -35.13 -28.85 -10.27
CA ASN A 251 -34.59 -30.09 -9.68
C ASN A 251 -33.86 -31.01 -10.68
N ASP A 252 -34.06 -30.80 -12.00
CA ASP A 252 -33.35 -31.58 -13.03
C ASP A 252 -31.97 -31.01 -13.37
N GLU A 253 -31.59 -29.89 -12.78
CA GLU A 253 -30.32 -29.21 -13.10
C GLU A 253 -29.25 -29.59 -12.10
N THR A 254 -28.02 -29.67 -12.57
CA THR A 254 -26.88 -30.04 -11.72
C THR A 254 -25.87 -28.85 -11.51
N PHE A 255 -26.04 -27.76 -12.26
CA PHE A 255 -25.29 -26.53 -12.05
C PHE A 255 -25.70 -25.96 -10.66
N PRO A 256 -24.73 -25.46 -9.84
CA PRO A 256 -25.07 -25.06 -8.43
C PRO A 256 -26.00 -23.87 -8.37
N ARG A 257 -26.93 -23.96 -7.44
CA ARG A 257 -27.92 -22.94 -7.18
C ARG A 257 -27.26 -21.58 -6.93
N THR A 258 -26.13 -21.62 -6.21
CA THR A 258 -25.38 -20.41 -5.82
C THR A 258 -23.88 -20.68 -5.95
N SER A 259 -23.06 -19.61 -6.07
CA SER A 259 -21.58 -19.72 -5.91
C SER A 259 -21.07 -20.25 -4.52
N ALA A 260 -21.86 -20.05 -3.43
CA ALA A 260 -21.45 -20.40 -2.02
C ALA A 260 -20.99 -21.85 -1.81
N THR B 2 4.76 -18.21 4.79
CA THR B 2 4.30 -17.19 3.83
C THR B 2 5.51 -16.47 3.20
N VAL B 3 5.29 -15.58 2.23
CA VAL B 3 6.41 -14.77 1.68
C VAL B 3 6.05 -13.28 1.85
N THR B 4 7.06 -12.47 2.16
CA THR B 4 6.84 -11.05 2.37
C THR B 4 6.58 -10.44 0.97
N ILE B 5 5.55 -9.61 0.85
CA ILE B 5 5.14 -8.96 -0.42
C ILE B 5 6.32 -8.25 -1.13
N LYS B 6 6.42 -8.37 -2.45
CA LYS B 6 7.42 -7.56 -3.22
C LYS B 6 6.77 -6.43 -4.01
N THR B 7 7.44 -5.30 -4.09
CA THR B 7 6.91 -4.15 -4.86
C THR B 7 7.85 -3.87 -6.04
N PRO B 8 7.31 -3.64 -7.25
CA PRO B 8 8.14 -3.18 -8.39
C PRO B 8 9.10 -2.05 -7.98
N ASP B 9 10.29 -2.08 -8.54
CA ASP B 9 11.33 -1.11 -8.22
C ASP B 9 10.87 0.38 -8.39
N ASP B 10 10.19 0.65 -9.50
CA ASP B 10 9.63 1.96 -9.86
C ASP B 10 8.74 2.53 -8.76
N ILE B 11 7.93 1.64 -8.17
CA ILE B 11 7.04 2.03 -7.08
C ILE B 11 7.80 2.38 -5.81
N GLU B 12 8.83 1.62 -5.44
N GLU B 12 8.83 1.58 -5.51
CA GLU B 12 9.61 2.06 -4.27
CA GLU B 12 9.77 1.88 -4.42
C GLU B 12 10.37 3.35 -4.51
C GLU B 12 10.40 3.26 -4.54
N LYS B 13 10.81 3.60 -5.75
CA LYS B 13 11.51 4.84 -6.05
C LYS B 13 10.52 6.03 -6.07
N MET B 14 9.27 5.82 -6.50
CA MET B 14 8.19 6.85 -6.34
C MET B 14 7.81 7.13 -4.86
N ARG B 15 7.87 6.10 -4.01
CA ARG B 15 7.62 6.27 -2.57
C ARG B 15 8.71 7.09 -1.99
N ILE B 16 9.94 6.88 -2.42
CA ILE B 16 11.05 7.78 -1.96
C ILE B 16 10.88 9.19 -2.40
N ALA B 17 10.56 9.39 -3.68
CA ALA B 17 10.35 10.77 -4.21
C ALA B 17 9.18 11.50 -3.49
N GLY B 18 8.11 10.76 -3.24
CA GLY B 18 6.92 11.32 -2.56
C GLY B 18 7.20 11.68 -1.11
N ARG B 19 7.92 10.81 -0.42
CA ARG B 19 8.32 11.08 0.99
C ARG B 19 9.24 12.32 1.04
N LEU B 20 10.18 12.42 0.08
CA LEU B 20 11.01 13.67 0.02
C LEU B 20 10.18 14.94 -0.20
N ALA B 21 9.22 14.86 -1.12
CA ALA B 21 8.38 16.04 -1.48
C ALA B 21 7.62 16.44 -0.23
N ALA B 22 7.09 15.44 0.48
CA ALA B 22 6.32 15.69 1.71
C ALA B 22 7.20 16.32 2.75
N GLU B 23 8.41 15.82 2.94
CA GLU B 23 9.35 16.42 3.89
C GLU B 23 9.71 17.91 3.62
N VAL B 24 9.74 18.31 2.34
CA VAL B 24 9.99 19.70 2.02
C VAL B 24 8.87 20.57 2.64
N LEU B 25 7.60 20.15 2.44
CA LEU B 25 6.48 20.87 3.06
C LEU B 25 6.56 20.86 4.62
N GLU B 26 6.90 19.71 5.18
CA GLU B 26 7.06 19.62 6.64
C GLU B 26 8.14 20.62 7.06
N MET B 27 9.23 20.63 6.31
CA MET B 27 10.34 21.54 6.65
C MET B 27 9.95 23.03 6.56
N ILE B 28 9.32 23.40 5.47
CA ILE B 28 9.14 24.81 5.17
C ILE B 28 8.10 25.47 6.09
N GLY B 29 7.16 24.67 6.61
CA GLY B 29 6.17 25.19 7.58
C GLY B 29 6.77 26.04 8.70
N GLU B 30 7.91 25.61 9.23
CA GLU B 30 8.54 26.30 10.38
C GLU B 30 9.11 27.65 9.99
N HIS B 31 9.25 27.92 8.68
CA HIS B 31 9.75 29.19 8.18
C HIS B 31 8.66 30.15 7.77
N ILE B 32 7.39 29.74 7.81
CA ILE B 32 6.34 30.61 7.22
C ILE B 32 5.74 31.48 8.34
N LYS B 33 5.83 32.79 8.18
CA LYS B 33 5.32 33.72 9.21
C LYS B 33 5.19 35.09 8.52
N PRO B 34 4.42 36.00 9.12
CA PRO B 34 4.33 37.25 8.35
C PRO B 34 5.72 37.92 8.14
N GLY B 35 5.94 38.57 7.02
CA GLY B 35 7.22 39.23 6.82
C GLY B 35 8.25 38.49 5.97
N VAL B 36 8.18 37.17 5.91
CA VAL B 36 9.09 36.34 5.05
C VAL B 36 8.66 36.52 3.57
N THR B 37 9.60 36.73 2.63
CA THR B 37 9.23 36.84 1.24
C THR B 37 9.04 35.41 0.68
N THR B 38 8.22 35.29 -0.36
CA THR B 38 8.06 33.96 -1.05
C THR B 38 9.39 33.58 -1.76
N GLU B 39 10.13 34.55 -2.26
CA GLU B 39 11.44 34.24 -2.84
C GLU B 39 12.41 33.69 -1.79
N GLU B 40 12.31 34.20 -0.55
CA GLU B 40 13.06 33.56 0.54
C GLU B 40 12.62 32.09 0.81
N LEU B 41 11.30 31.82 0.85
CA LEU B 41 10.86 30.41 0.94
C LEU B 41 11.41 29.57 -0.19
N ASP B 42 11.43 30.11 -1.37
CA ASP B 42 11.91 29.38 -2.53
C ASP B 42 13.40 28.99 -2.37
N ARG B 43 14.21 29.92 -1.90
CA ARG B 43 15.65 29.64 -1.69
C ARG B 43 15.80 28.56 -0.63
N ILE B 44 15.03 28.64 0.44
CA ILE B 44 15.15 27.68 1.53
C ILE B 44 14.75 26.32 0.99
N CYS B 45 13.63 26.26 0.24
CA CYS B 45 13.24 24.93 -0.30
C CYS B 45 14.30 24.38 -1.30
N HIS B 46 14.73 25.26 -2.20
CA HIS B 46 15.69 24.83 -3.26
C HIS B 46 16.96 24.23 -2.61
N ASP B 47 17.50 24.94 -1.59
CA ASP B 47 18.71 24.47 -0.94
C ASP B 47 18.46 23.20 -0.22
N TYR B 48 17.29 23.03 0.40
CA TYR B 48 17.06 21.79 1.12
C TYR B 48 16.96 20.59 0.12
N ILE B 49 16.21 20.78 -0.95
CA ILE B 49 16.10 19.74 -2.00
C ILE B 49 17.45 19.42 -2.58
N VAL B 50 18.16 20.44 -3.06
CA VAL B 50 19.44 20.16 -3.74
C VAL B 50 20.56 19.71 -2.79
N ASN B 51 20.72 20.40 -1.66
CA ASN B 51 21.91 20.12 -0.83
C ASN B 51 21.69 19.06 0.16
N GLU B 52 20.48 18.91 0.72
CA GLU B 52 20.28 17.88 1.73
C GLU B 52 19.63 16.64 1.23
N GLN B 53 18.60 16.80 0.39
CA GLN B 53 17.89 15.60 -0.16
C GLN B 53 18.65 15.00 -1.35
N LYS B 54 19.65 15.71 -1.88
N LYS B 54 19.63 15.75 -1.86
CA LYS B 54 20.34 15.29 -3.13
CA LYS B 54 20.33 15.49 -3.13
C LYS B 54 19.31 15.00 -4.23
C LYS B 54 19.32 15.03 -4.16
N ALA B 55 18.36 15.94 -4.43
CA ALA B 55 17.30 15.78 -5.39
C ALA B 55 17.20 17.05 -6.19
N ILE B 56 16.17 17.15 -7.03
CA ILE B 56 16.05 18.31 -7.94
C ILE B 56 14.66 18.95 -7.87
N PRO B 57 14.55 20.28 -7.72
CA PRO B 57 13.15 20.91 -7.81
C PRO B 57 12.65 20.87 -9.27
N ALA B 58 11.70 19.97 -9.53
CA ALA B 58 11.18 19.77 -10.88
C ALA B 58 10.59 21.05 -11.50
N PRO B 59 10.00 21.97 -10.68
CA PRO B 59 9.48 23.15 -11.40
C PRO B 59 10.56 24.00 -12.09
N LEU B 60 11.79 23.88 -11.60
CA LEU B 60 12.85 24.77 -12.04
C LEU B 60 13.13 24.65 -13.57
N ASN B 61 12.90 25.74 -14.28
CA ASN B 61 13.03 25.93 -15.75
C ASN B 61 12.07 25.03 -16.55
N TYR B 62 11.05 24.55 -15.87
CA TYR B 62 10.10 23.66 -16.50
C TYR B 62 9.15 24.53 -17.29
N LYS B 63 9.19 24.34 -18.62
CA LYS B 63 8.47 25.16 -19.63
C LYS B 63 8.75 26.62 -19.35
N GLY B 64 9.96 26.91 -18.92
CA GLY B 64 10.35 28.29 -18.62
C GLY B 64 10.05 28.79 -17.20
N PHE B 65 9.42 27.98 -16.33
CA PHE B 65 9.06 28.53 -15.03
C PHE B 65 10.37 28.87 -14.24
N PRO B 66 10.46 30.07 -13.65
CA PRO B 66 11.77 30.63 -13.22
C PRO B 66 12.28 30.30 -11.81
N LYS B 67 11.48 29.57 -11.02
CA LYS B 67 11.71 29.26 -9.63
C LYS B 67 11.62 27.75 -9.31
N SER B 68 11.89 27.40 -8.06
CA SER B 68 11.95 25.99 -7.65
C SER B 68 10.65 25.47 -7.05
N ILE B 69 9.76 26.38 -6.63
CA ILE B 69 8.47 26.04 -5.98
C ILE B 69 7.48 27.03 -6.58
N CYS B 70 6.18 26.74 -6.41
CA CYS B 70 5.11 27.70 -6.73
C CYS B 70 4.54 28.16 -5.39
N THR B 71 4.32 29.50 -5.29
CA THR B 71 3.74 30.10 -4.11
C THR B 71 2.57 30.96 -4.62
N SER B 72 1.38 30.60 -4.16
CA SER B 72 0.16 31.15 -4.68
C SER B 72 -0.56 31.74 -3.47
N ILE B 73 -0.87 33.04 -3.51
CA ILE B 73 -1.37 33.69 -2.30
C ILE B 73 -2.79 34.26 -2.57
N ASN B 74 -3.71 34.05 -1.64
CA ASN B 74 -5.06 34.69 -1.67
C ASN B 74 -5.83 34.45 -2.98
N HIS B 75 -6.05 35.46 -3.83
CA HIS B 75 -6.83 35.31 -5.08
C HIS B 75 -5.96 34.68 -6.19
N VAL B 76 -4.69 34.42 -5.88
CA VAL B 76 -3.89 33.62 -6.85
C VAL B 76 -4.37 32.17 -6.76
N VAL B 77 -4.71 31.62 -7.92
CA VAL B 77 -5.23 30.24 -7.98
C VAL B 77 -4.07 29.22 -8.02
N CYS B 78 -3.09 29.46 -8.89
CA CYS B 78 -1.98 28.49 -8.98
C CYS B 78 -0.82 29.10 -9.70
N HIS B 79 0.33 28.44 -9.54
CA HIS B 79 1.54 28.74 -10.32
C HIS B 79 2.14 30.09 -10.06
N GLY B 80 1.88 30.63 -8.86
CA GLY B 80 2.46 31.93 -8.44
C GLY B 80 3.98 31.77 -8.38
N ILE B 81 4.68 32.82 -8.79
CA ILE B 81 6.15 32.85 -8.97
C ILE B 81 6.69 33.50 -7.71
N PRO B 82 7.52 32.80 -6.94
CA PRO B 82 8.14 33.43 -5.75
C PRO B 82 8.78 34.74 -6.06
N ASN B 83 8.60 35.71 -5.17
CA ASN B 83 9.10 37.07 -5.44
C ASN B 83 9.44 37.81 -4.10
N GLU B 84 9.66 39.10 -4.21
CA GLU B 84 10.25 39.87 -3.12
C GLU B 84 9.14 40.38 -2.16
N LYS B 85 7.86 40.07 -2.43
CA LYS B 85 6.73 40.54 -1.59
C LYS B 85 6.63 39.76 -0.30
N PRO B 86 6.62 40.49 0.82
CA PRO B 86 6.61 39.74 2.06
C PRO B 86 5.19 39.16 2.35
N LEU B 87 5.08 38.00 2.99
CA LEU B 87 3.75 37.52 3.40
C LEU B 87 3.18 38.52 4.41
N LYS B 88 1.88 38.77 4.34
CA LYS B 88 1.22 39.71 5.29
C LYS B 88 0.32 38.84 6.20
N GLU B 89 0.18 39.20 7.48
CA GLU B 89 -0.85 38.65 8.32
C GLU B 89 -2.23 38.50 7.62
N GLY B 90 -2.83 37.31 7.74
CA GLY B 90 -4.16 37.13 7.11
C GLY B 90 -4.09 36.52 5.69
N ASP B 91 -2.88 36.42 5.11
CA ASP B 91 -2.68 35.70 3.83
C ASP B 91 -2.99 34.19 4.00
N ILE B 92 -3.58 33.64 2.96
CA ILE B 92 -3.47 32.20 2.71
C ILE B 92 -2.46 31.92 1.63
N LEU B 93 -1.67 30.86 1.87
CA LEU B 93 -0.55 30.62 1.00
C LEU B 93 -0.53 29.15 0.65
N ASN B 94 -0.47 28.89 -0.67
CA ASN B 94 -0.24 27.51 -1.14
C ASN B 94 1.27 27.35 -1.49
N VAL B 95 1.94 26.36 -0.96
CA VAL B 95 3.28 26.11 -1.43
C VAL B 95 3.19 24.77 -2.19
N ASP B 96 3.57 24.78 -3.47
CA ASP B 96 3.43 23.58 -4.28
C ASP B 96 4.88 23.14 -4.63
N ILE B 97 5.22 21.95 -4.14
CA ILE B 97 6.55 21.30 -4.33
C ILE B 97 6.46 20.17 -5.37
N THR B 98 7.48 20.08 -6.24
CA THR B 98 7.73 18.77 -6.84
C THR B 98 9.22 18.49 -6.77
N VAL B 99 9.57 17.30 -6.22
CA VAL B 99 10.93 16.85 -6.17
C VAL B 99 11.12 15.76 -7.28
N ILE B 100 12.32 15.71 -7.89
CA ILE B 100 12.69 14.58 -8.75
C ILE B 100 13.88 14.02 -8.07
N LYS B 101 13.74 12.75 -7.66
CA LYS B 101 14.80 12.02 -6.97
C LYS B 101 15.18 10.86 -7.91
N ASP B 102 16.40 10.95 -8.46
CA ASP B 102 16.88 9.96 -9.44
C ASP B 102 15.89 9.71 -10.58
N GLY B 103 15.25 10.75 -11.06
CA GLY B 103 14.38 10.62 -12.18
C GLY B 103 12.93 10.36 -11.75
N TYR B 104 12.65 10.14 -10.46
CA TYR B 104 11.21 9.88 -10.07
C TYR B 104 10.57 11.11 -9.40
N HIS B 105 9.29 11.38 -9.68
CA HIS B 105 8.74 12.70 -9.24
C HIS B 105 7.80 12.52 -8.08
N GLY B 106 7.80 13.47 -7.13
CA GLY B 106 6.76 13.50 -6.08
C GLY B 106 6.18 14.87 -5.96
N ASP B 107 4.84 14.98 -6.06
CA ASP B 107 4.22 16.31 -6.37
C ASP B 107 3.19 16.53 -5.26
N THR B 108 3.21 17.69 -4.56
CA THR B 108 2.30 17.86 -3.41
C THR B 108 2.27 19.33 -3.01
N SER B 109 1.12 19.76 -2.47
CA SER B 109 1.06 21.14 -2.02
C SER B 109 0.15 21.22 -0.81
N LYS B 110 0.22 22.32 -0.09
CA LYS B 110 -0.57 22.44 1.14
C LYS B 110 -0.80 23.93 1.37
N MET B 111 -1.91 24.22 2.11
CA MET B 111 -2.26 25.60 2.40
C MET B 111 -1.68 25.94 3.79
N PHE B 112 -1.16 27.17 3.88
CA PHE B 112 -0.66 27.69 5.15
C PHE B 112 -1.50 28.91 5.47
N LEU B 113 -1.94 29.02 6.72
CA LEU B 113 -2.64 30.22 7.23
C LEU B 113 -1.56 31.15 7.84
N VAL B 114 -1.36 32.34 7.32
CA VAL B 114 -0.22 33.18 7.77
C VAL B 114 -0.77 34.12 8.84
N GLY B 115 -0.38 33.88 10.07
CA GLY B 115 -0.85 34.72 11.18
C GLY B 115 -2.31 34.40 11.41
N LYS B 116 -3.05 35.38 11.92
CA LYS B 116 -4.46 35.18 12.21
C LYS B 116 -5.16 35.42 10.90
N THR B 117 -5.93 34.44 10.40
CA THR B 117 -6.54 34.55 9.07
C THR B 117 -8.04 34.74 9.31
N PRO B 118 -8.74 35.36 8.37
CA PRO B 118 -10.20 35.42 8.51
C PRO B 118 -10.86 34.00 8.47
N GLU B 119 -12.00 33.86 9.17
CA GLU B 119 -12.75 32.62 9.23
C GLU B 119 -13.19 32.07 7.82
N TRP B 120 -13.52 32.97 6.90
CA TRP B 120 -13.95 32.56 5.59
C TRP B 120 -12.81 31.97 4.70
N ALA B 121 -11.58 32.44 4.92
CA ALA B 121 -10.43 31.86 4.30
C ALA B 121 -10.14 30.53 4.97
N ASP B 122 -10.23 30.44 6.30
CA ASP B 122 -10.09 29.12 6.97
C ASP B 122 -11.09 28.06 6.43
N ARG B 123 -12.34 28.47 6.28
CA ARG B 123 -13.37 27.57 5.82
C ARG B 123 -13.08 27.11 4.36
N LEU B 124 -12.71 28.06 3.50
CA LEU B 124 -12.30 27.69 2.13
C LEU B 124 -11.18 26.59 2.13
N CYS B 125 -10.16 26.77 3.00
CA CYS B 125 -8.98 25.86 3.06
C CYS B 125 -9.39 24.47 3.53
N GLN B 126 -10.19 24.44 4.61
CA GLN B 126 -10.68 23.19 5.20
C GLN B 126 -11.50 22.39 4.18
N ILE B 127 -12.46 23.02 3.56
CA ILE B 127 -13.33 22.31 2.60
C ILE B 127 -12.55 21.84 1.37
N THR B 128 -11.61 22.66 0.89
CA THR B 128 -10.69 22.25 -0.23
C THR B 128 -9.87 21.00 0.15
N GLN B 129 -9.40 20.94 1.39
CA GLN B 129 -8.64 19.78 1.84
C GLN B 129 -9.55 18.59 1.90
N GLU B 130 -10.76 18.81 2.45
CA GLU B 130 -11.76 17.78 2.49
C GLU B 130 -12.10 17.24 1.14
N CYS B 131 -12.20 18.13 0.13
CA CYS B 131 -12.49 17.74 -1.25
C CYS B 131 -11.36 16.84 -1.74
N MET B 132 -10.13 17.28 -1.54
CA MET B 132 -8.98 16.43 -1.96
C MET B 132 -9.04 15.03 -1.30
N TYR B 133 -9.28 14.96 0.01
CA TYR B 133 -9.26 13.64 0.71
C TYR B 133 -10.43 12.78 0.19
N LYS B 134 -11.58 13.43 -0.14
CA LYS B 134 -12.75 12.69 -0.67
C LYS B 134 -12.39 12.11 -1.99
N GLY B 135 -11.80 12.92 -2.87
CA GLY B 135 -11.28 12.42 -4.15
C GLY B 135 -10.35 11.20 -3.99
N ILE B 136 -9.35 11.30 -3.12
CA ILE B 136 -8.47 10.16 -2.77
C ILE B 136 -9.21 8.90 -2.27
N SER B 137 -10.25 9.11 -1.44
CA SER B 137 -10.99 8.03 -0.81
C SER B 137 -11.65 7.12 -1.82
N VAL B 138 -11.99 7.61 -3.04
CA VAL B 138 -12.69 6.72 -4.00
C VAL B 138 -11.74 5.95 -4.90
N VAL B 139 -10.43 6.16 -4.72
CA VAL B 139 -9.42 5.57 -5.59
C VAL B 139 -9.18 4.09 -5.24
N ARG B 140 -9.33 3.19 -6.23
CA ARG B 140 -9.04 1.76 -6.06
C ARG B 140 -9.11 1.17 -7.49
N PRO B 141 -8.52 -0.01 -7.69
CA PRO B 141 -8.75 -0.67 -8.99
C PRO B 141 -10.28 -0.80 -9.33
N GLY B 142 -10.68 -0.45 -10.55
CA GLY B 142 -12.11 -0.54 -10.91
C GLY B 142 -12.92 0.74 -10.71
N ALA B 143 -12.44 1.70 -9.87
CA ALA B 143 -12.97 3.07 -9.86
C ALA B 143 -12.79 3.68 -11.21
N HIS B 144 -13.62 4.69 -11.53
CA HIS B 144 -13.46 5.47 -12.75
C HIS B 144 -12.98 6.88 -12.44
N LEU B 145 -12.27 7.52 -13.35
CA LEU B 145 -11.72 8.85 -13.07
C LEU B 145 -12.82 9.80 -12.68
N GLY B 146 -13.99 9.70 -13.34
CA GLY B 146 -15.12 10.55 -13.03
C GLY B 146 -15.55 10.49 -11.59
N ASP B 147 -15.29 9.36 -10.90
CA ASP B 147 -15.70 9.24 -9.51
C ASP B 147 -14.99 10.32 -8.65
N ILE B 148 -13.73 10.56 -8.97
CA ILE B 148 -12.93 11.56 -8.27
C ILE B 148 -13.50 12.93 -8.52
N GLY B 149 -13.82 13.24 -9.78
CA GLY B 149 -14.38 14.59 -10.11
C GLY B 149 -15.75 14.82 -9.47
N GLU B 150 -16.58 13.76 -9.45
CA GLU B 150 -17.94 13.93 -8.87
C GLU B 150 -17.87 14.22 -7.37
N ILE B 151 -17.05 13.44 -6.66
CA ILE B 151 -17.10 13.50 -5.23
C ILE B 151 -16.60 14.85 -4.77
N ILE B 152 -15.55 15.35 -5.47
CA ILE B 152 -15.00 16.68 -5.18
C ILE B 152 -16.01 17.75 -5.49
N GLN B 153 -16.56 17.67 -6.71
CA GLN B 153 -17.51 18.73 -7.15
C GLN B 153 -18.72 18.87 -6.18
N LYS B 154 -19.24 17.72 -5.77
CA LYS B 154 -20.38 17.70 -4.87
C LYS B 154 -20.04 18.33 -3.52
N HIS B 155 -18.86 18.01 -2.99
CA HIS B 155 -18.52 18.52 -1.66
C HIS B 155 -18.28 20.03 -1.70
N ALA B 156 -17.57 20.52 -2.71
CA ALA B 156 -17.34 21.94 -2.96
C ALA B 156 -18.67 22.69 -3.09
N GLU B 157 -19.52 22.20 -3.97
CA GLU B 157 -20.73 22.91 -4.33
C GLU B 157 -21.77 22.88 -3.18
N LYS B 158 -21.92 21.79 -2.48
CA LYS B 158 -22.77 21.71 -1.27
C LYS B 158 -22.39 22.80 -0.31
N ASN B 159 -21.09 23.09 -0.21
CA ASN B 159 -20.60 24.07 0.77
C ASN B 159 -20.46 25.51 0.25
N GLY B 160 -20.98 25.78 -0.94
CA GLY B 160 -21.03 27.16 -1.43
C GLY B 160 -19.85 27.59 -2.31
N PHE B 161 -18.92 26.66 -2.59
CA PHE B 161 -17.71 26.94 -3.36
C PHE B 161 -17.75 26.45 -4.80
N SER B 162 -16.79 26.87 -5.62
CA SER B 162 -16.82 26.40 -6.96
C SER B 162 -15.52 25.68 -7.32
N VAL B 163 -15.56 24.80 -8.33
CA VAL B 163 -14.34 24.06 -8.76
C VAL B 163 -13.73 24.73 -10.01
N VAL B 164 -12.42 24.90 -9.97
CA VAL B 164 -11.72 25.47 -11.15
C VAL B 164 -11.61 24.33 -12.16
N ARG B 165 -11.97 24.65 -13.39
CA ARG B 165 -12.14 23.64 -14.41
C ARG B 165 -11.01 23.62 -15.37
N GLU B 166 -10.26 24.71 -15.42
CA GLU B 166 -9.22 24.87 -16.46
C GLU B 166 -7.85 24.26 -16.04
N TYR B 167 -7.80 23.68 -14.86
CA TYR B 167 -6.58 23.02 -14.43
C TYR B 167 -6.99 21.68 -13.87
N CYS B 168 -6.09 20.71 -13.96
CA CYS B 168 -6.44 19.37 -13.51
C CYS B 168 -5.25 18.61 -12.87
N GLY B 169 -5.52 17.49 -12.20
CA GLY B 169 -4.41 16.60 -11.80
C GLY B 169 -3.95 15.79 -13.02
N HIS B 170 -2.92 14.95 -12.83
CA HIS B 170 -2.27 14.31 -13.99
C HIS B 170 -1.53 13.07 -13.52
N GLY B 171 -1.32 12.12 -14.43
CA GLY B 171 -0.32 11.05 -14.28
C GLY B 171 1.06 11.66 -13.90
N ILE B 172 1.83 10.89 -13.12
CA ILE B 172 3.16 11.31 -12.79
C ILE B 172 4.01 10.08 -12.53
N GLY B 173 5.31 10.17 -12.78
CA GLY B 173 6.15 9.02 -12.51
C GLY B 173 7.56 9.46 -12.82
N LYS B 174 8.12 8.88 -13.88
CA LYS B 174 9.43 9.33 -14.34
C LYS B 174 9.26 10.60 -15.20
N VAL B 175 8.02 11.05 -15.45
CA VAL B 175 7.79 12.33 -16.13
C VAL B 175 6.87 13.08 -15.20
N PHE B 176 6.98 14.39 -15.28
CA PHE B 176 6.30 15.27 -14.31
C PHE B 176 4.77 15.27 -14.68
N HIS B 177 4.46 15.30 -15.98
CA HIS B 177 3.04 15.41 -16.42
C HIS B 177 2.72 14.38 -17.49
N GLU B 178 1.89 13.40 -17.16
CA GLU B 178 1.51 12.46 -18.24
C GLU B 178 0.06 12.13 -18.12
N GLU B 179 -0.48 11.34 -19.06
CA GLU B 179 -1.92 10.89 -18.95
C GLU B 179 -2.13 10.09 -17.63
N PRO B 180 -3.34 10.10 -17.03
CA PRO B 180 -4.55 10.81 -17.52
C PRO B 180 -4.70 12.26 -16.98
N GLN B 181 -5.65 13.02 -17.53
CA GLN B 181 -6.06 14.26 -16.93
C GLN B 181 -7.02 13.90 -15.81
N VAL B 182 -6.76 14.41 -14.61
CA VAL B 182 -7.60 14.10 -13.45
C VAL B 182 -8.44 15.37 -13.22
N LEU B 183 -9.69 15.33 -13.72
CA LEU B 183 -10.60 16.52 -13.60
C LEU B 183 -11.17 16.52 -12.16
N HIS B 184 -11.38 17.70 -11.57
CA HIS B 184 -11.92 17.82 -10.22
C HIS B 184 -13.42 18.11 -10.23
N TYR B 185 -14.05 17.83 -11.40
CA TYR B 185 -15.50 17.91 -11.52
C TYR B 185 -15.90 16.77 -12.45
N GLY B 186 -17.19 16.39 -12.47
CA GLY B 186 -17.65 15.36 -13.42
C GLY B 186 -18.69 14.45 -12.82
N ARG B 187 -18.81 13.26 -13.37
CA ARG B 187 -19.90 12.33 -13.07
C ARG B 187 -19.33 10.95 -12.78
N ALA B 188 -19.74 10.32 -11.68
CA ALA B 188 -19.27 8.95 -11.32
C ALA B 188 -19.52 7.96 -12.45
N GLY B 189 -18.61 6.99 -12.54
CA GLY B 189 -18.67 5.91 -13.52
C GLY B 189 -18.16 6.29 -14.91
N THR B 190 -17.76 7.55 -15.12
CA THR B 190 -17.22 7.97 -16.45
C THR B 190 -15.72 8.11 -16.49
N GLY B 191 -15.14 8.09 -17.69
CA GLY B 191 -13.72 8.19 -17.84
C GLY B 191 -13.08 6.83 -17.68
N ILE B 192 -11.76 6.77 -17.79
CA ILE B 192 -11.07 5.49 -17.77
C ILE B 192 -11.19 4.82 -16.38
N GLU B 193 -11.04 3.52 -16.38
CA GLU B 193 -11.07 2.72 -15.21
C GLU B 193 -9.63 2.81 -14.60
N LEU B 194 -9.54 2.90 -13.27
CA LEU B 194 -8.24 2.98 -12.61
C LEU B 194 -7.67 1.56 -12.47
N LYS B 195 -6.35 1.42 -12.62
CA LYS B 195 -5.69 0.08 -12.51
C LYS B 195 -4.57 0.16 -11.48
N GLU B 196 -4.32 -0.94 -10.79
CA GLU B 196 -3.21 -1.07 -9.89
C GLU B 196 -1.94 -0.69 -10.60
N GLY B 197 -1.12 0.12 -9.90
CA GLY B 197 0.20 0.60 -10.35
C GLY B 197 0.11 1.99 -11.01
N MET B 198 -1.11 2.47 -11.28
CA MET B 198 -1.26 3.84 -11.80
C MET B 198 -0.89 4.84 -10.71
N ILE B 199 -0.22 5.94 -11.08
CA ILE B 199 0.12 6.97 -10.12
C ILE B 199 -0.25 8.32 -10.74
N PHE B 200 -0.98 9.14 -9.99
CA PHE B 200 -1.42 10.40 -10.57
C PHE B 200 -1.67 11.35 -9.39
N THR B 201 -1.98 12.63 -9.69
CA THR B 201 -2.13 13.55 -8.56
C THR B 201 -3.63 13.91 -8.47
N ILE B 202 -4.05 14.32 -7.28
CA ILE B 202 -5.39 14.88 -7.07
C ILE B 202 -5.09 16.21 -6.40
N GLU B 203 -5.51 17.31 -7.03
CA GLU B 203 -5.02 18.67 -6.65
C GLU B 203 -6.09 19.72 -6.97
N PRO B 204 -7.26 19.59 -6.34
CA PRO B 204 -8.38 20.45 -6.61
C PRO B 204 -8.10 21.96 -6.28
N MET B 205 -8.46 22.84 -7.18
CA MET B 205 -8.43 24.30 -6.98
C MET B 205 -9.89 24.72 -6.80
N ILE B 206 -10.20 25.23 -5.60
CA ILE B 206 -11.54 25.57 -5.16
C ILE B 206 -11.62 27.08 -4.86
N ASN B 207 -12.66 27.72 -5.41
CA ASN B 207 -12.75 29.20 -5.32
C ASN B 207 -13.87 29.59 -4.34
N GLN B 208 -13.61 30.64 -3.56
CA GLN B 208 -14.61 31.22 -2.68
C GLN B 208 -15.88 31.64 -3.45
N GLY B 209 -15.68 32.22 -4.63
CA GLY B 209 -16.78 32.77 -5.43
C GLY B 209 -16.95 31.93 -6.67
N ARG B 210 -16.75 32.54 -7.81
CA ARG B 210 -17.00 31.92 -9.08
C ARG B 210 -15.77 31.16 -9.58
N PRO B 211 -16.00 30.22 -10.50
CA PRO B 211 -14.94 29.27 -10.96
C PRO B 211 -13.93 29.86 -11.98
N GLU B 212 -14.26 30.96 -12.64
CA GLU B 212 -13.41 31.43 -13.76
C GLU B 212 -12.07 31.96 -13.24
N THR B 213 -11.03 31.69 -14.02
CA THR B 213 -9.73 32.21 -13.68
C THR B 213 -9.18 32.98 -14.84
N ARG B 214 -8.11 33.72 -14.62
CA ARG B 214 -7.38 34.20 -15.80
C ARG B 214 -5.89 34.27 -15.61
N LEU B 215 -5.13 34.11 -16.70
CA LEU B 215 -3.71 34.00 -16.62
C LEU B 215 -3.10 35.38 -16.79
N LEU B 216 -2.20 35.76 -15.90
CA LEU B 216 -1.49 37.01 -16.06
C LEU B 216 -0.37 36.98 -17.11
N GLY B 217 0.34 38.12 -17.17
CA GLY B 217 1.28 38.45 -18.24
C GLY B 217 2.48 37.54 -18.24
N ASP B 218 2.85 37.04 -17.07
CA ASP B 218 4.07 36.25 -16.95
C ASP B 218 3.80 34.83 -17.49
N GLY B 219 2.55 34.58 -17.89
CA GLY B 219 2.15 33.30 -18.50
C GLY B 219 2.09 32.14 -17.52
N TRP B 220 2.17 32.41 -16.22
CA TRP B 220 2.11 31.36 -15.19
C TRP B 220 1.03 31.67 -14.14
N THR B 221 1.02 32.90 -13.66
CA THR B 221 0.22 33.25 -12.48
C THR B 221 -1.25 33.30 -12.93
N ALA B 222 -2.05 32.40 -12.36
CA ALA B 222 -3.52 32.39 -12.59
C ALA B 222 -4.21 33.02 -11.42
N ILE B 223 -5.23 33.85 -11.68
CA ILE B 223 -5.96 34.47 -10.55
C ILE B 223 -7.45 34.28 -10.74
N THR B 224 -8.22 34.37 -9.65
CA THR B 224 -9.67 34.30 -9.79
C THR B 224 -10.15 35.54 -10.62
N LYS B 225 -11.08 35.34 -11.58
CA LYS B 225 -11.71 36.43 -12.33
C LYS B 225 -12.37 37.39 -11.33
N ASP B 226 -13.03 36.86 -10.32
CA ASP B 226 -13.78 37.73 -9.41
C ASP B 226 -12.91 38.30 -8.27
N ARG B 227 -11.61 38.01 -8.27
CA ARG B 227 -10.71 38.44 -7.18
C ARG B 227 -11.02 37.93 -5.82
N LYS B 228 -11.82 36.88 -5.67
CA LYS B 228 -12.06 36.31 -4.31
C LYS B 228 -10.99 35.24 -4.04
N LEU B 229 -10.96 34.64 -2.84
CA LEU B 229 -9.92 33.61 -2.52
C LEU B 229 -10.02 32.34 -3.35
N SER B 230 -8.91 31.58 -3.37
CA SER B 230 -8.83 30.27 -4.04
C SER B 230 -7.81 29.46 -3.20
N ALA B 231 -8.11 28.15 -2.96
CA ALA B 231 -7.26 27.30 -2.09
C ALA B 231 -7.05 26.01 -2.92
N GLN B 232 -5.90 25.38 -2.67
CA GLN B 232 -5.59 24.14 -3.36
C GLN B 232 -4.81 23.29 -2.37
N TRP B 233 -5.02 21.97 -2.49
CA TRP B 233 -4.16 21.02 -1.80
C TRP B 233 -3.91 19.90 -2.79
N GLU B 234 -2.75 19.23 -2.68
CA GLU B 234 -2.38 18.25 -3.69
C GLU B 234 -1.61 17.08 -3.01
N HIS B 235 -1.93 15.84 -3.47
CA HIS B 235 -1.12 14.66 -3.12
C HIS B 235 -0.84 13.82 -4.35
N THR B 236 0.24 13.06 -4.27
CA THR B 236 0.56 12.08 -5.28
C THR B 236 0.02 10.73 -4.77
N VAL B 237 -0.77 10.07 -5.62
CA VAL B 237 -1.54 8.90 -5.20
C VAL B 237 -1.24 7.72 -6.11
N LEU B 238 -0.98 6.57 -5.46
CA LEU B 238 -0.78 5.30 -6.14
C LEU B 238 -2.05 4.45 -5.96
N VAL B 239 -2.48 3.79 -7.06
CA VAL B 239 -3.55 2.84 -6.97
C VAL B 239 -2.89 1.49 -6.54
N THR B 240 -3.37 0.95 -5.45
CA THR B 240 -2.79 -0.30 -4.92
C THR B 240 -3.72 -1.47 -5.33
N ALA B 241 -3.36 -2.69 -4.93
CA ALA B 241 -4.20 -3.87 -5.19
C ALA B 241 -5.61 -3.69 -4.72
N ASP B 242 -5.84 -3.07 -3.57
CA ASP B 242 -7.27 -2.90 -3.17
C ASP B 242 -7.74 -1.47 -2.93
N GLY B 243 -6.85 -0.47 -3.02
CA GLY B 243 -7.33 0.90 -2.80
C GLY B 243 -6.34 1.94 -3.27
N TYR B 244 -5.95 2.80 -2.35
CA TYR B 244 -5.02 3.89 -2.63
C TYR B 244 -3.86 3.92 -1.63
N GLU B 245 -2.78 4.57 -2.02
CA GLU B 245 -1.70 4.89 -1.10
C GLU B 245 -1.25 6.32 -1.43
N ILE B 246 -1.21 7.17 -0.43
CA ILE B 246 -0.84 8.58 -0.63
C ILE B 246 0.66 8.65 -0.53
N LEU B 247 1.40 8.89 -1.63
CA LEU B 247 2.87 8.80 -1.58
C LEU B 247 3.51 10.02 -0.86
N THR B 248 2.75 11.08 -0.82
CA THR B 248 3.23 12.37 -0.30
C THR B 248 2.61 12.72 1.07
N LEU B 249 2.15 11.72 1.83
CA LEU B 249 1.51 12.00 3.15
C LEU B 249 2.57 12.62 4.12
N ARG B 250 2.16 13.65 4.86
CA ARG B 250 3.00 14.27 5.87
C ARG B 250 2.70 13.69 7.26
N ASN B 251 3.69 13.87 8.15
CA ASN B 251 3.55 13.52 9.55
C ASN B 251 2.44 14.33 10.22
N ASP B 252 2.03 15.47 9.66
CA ASP B 252 1.02 16.24 10.37
C ASP B 252 -0.39 16.00 9.94
N GLU B 253 -0.61 14.96 9.14
CA GLU B 253 -1.87 14.67 8.56
C GLU B 253 -2.47 13.50 9.30
N THR B 254 -3.78 13.60 9.53
CA THR B 254 -4.49 12.57 10.28
C THR B 254 -5.26 11.60 9.32
N PHE B 255 -5.44 11.99 8.07
CA PHE B 255 -6.09 11.13 7.08
C PHE B 255 -5.29 9.85 6.80
N PRO B 256 -5.96 8.68 6.64
CA PRO B 256 -5.16 7.42 6.53
C PRO B 256 -4.28 7.38 5.23
N ARG B 257 -3.06 6.92 5.38
CA ARG B 257 -2.06 6.89 4.31
C ARG B 257 -2.52 5.94 3.19
N THR B 258 -3.18 4.84 3.59
CA THR B 258 -3.72 3.90 2.63
C THR B 258 -5.15 3.54 3.00
N SER B 259 -5.85 2.94 2.06
CA SER B 259 -7.16 2.30 2.30
C SER B 259 -7.25 1.39 3.56
N ALA B 260 -6.22 0.59 3.82
CA ALA B 260 -6.32 -0.57 4.77
C ALA B 260 -6.77 -0.33 6.24
N ALA B 261 -5.97 0.31 7.09
CA ALA B 261 -4.76 1.05 6.76
C ALA B 261 -4.64 2.35 7.47
N GLU B 262 -5.66 2.65 8.30
CA GLU B 262 -5.84 3.88 9.09
C GLU B 262 -4.56 4.43 9.72
N THR C 2 43.21 -0.99 26.28
CA THR C 2 43.87 -0.15 27.33
C THR C 2 44.07 1.23 26.77
N VAL C 3 43.97 2.23 27.64
CA VAL C 3 44.35 3.60 27.27
C VAL C 3 45.88 3.79 27.31
N THR C 4 46.46 4.38 26.27
CA THR C 4 47.90 4.57 26.27
C THR C 4 48.33 5.69 27.21
N ILE C 5 49.46 5.47 27.87
CA ILE C 5 50.04 6.47 28.71
C ILE C 5 51.20 7.03 27.92
N LYS C 6 51.16 8.34 27.64
CA LYS C 6 52.21 9.02 26.86
C LYS C 6 53.42 9.32 27.77
N THR C 7 54.62 9.18 27.21
CA THR C 7 55.86 9.51 27.93
C THR C 7 56.14 11.02 27.89
N PRO C 8 57.09 11.50 28.73
CA PRO C 8 57.36 12.92 28.67
C PRO C 8 57.69 13.42 27.26
N ASP C 9 58.49 12.66 26.52
CA ASP C 9 58.85 13.01 25.13
C ASP C 9 57.60 13.14 24.19
N ASP C 10 56.70 12.16 24.22
CA ASP C 10 55.39 12.21 23.53
C ASP C 10 54.65 13.49 23.93
N ILE C 11 54.58 13.78 25.23
CA ILE C 11 53.88 14.97 25.68
C ILE C 11 54.45 16.28 25.06
N GLU C 12 55.78 16.43 24.96
CA GLU C 12 56.35 17.62 24.35
C GLU C 12 55.95 17.73 22.88
N LYS C 13 55.97 16.59 22.18
CA LYS C 13 55.58 16.54 20.76
C LYS C 13 54.05 16.78 20.61
N MET C 14 53.28 16.33 21.61
CA MET C 14 51.84 16.64 21.69
C MET C 14 51.58 18.12 21.97
N ARG C 15 52.38 18.78 22.79
CA ARG C 15 52.25 20.23 22.91
C ARG C 15 52.49 20.95 21.60
N ILE C 16 53.46 20.49 20.85
CA ILE C 16 53.76 21.12 19.61
C ILE C 16 52.57 21.00 18.62
N ALA C 17 52.09 19.76 18.40
CA ALA C 17 50.94 19.50 17.51
C ALA C 17 49.69 20.31 17.96
N GLY C 18 49.48 20.35 19.28
CA GLY C 18 48.34 21.06 19.92
C GLY C 18 48.41 22.57 19.66
N ARG C 19 49.59 23.17 19.81
CA ARG C 19 49.80 24.58 19.53
C ARG C 19 49.53 24.87 18.03
N LEU C 20 49.97 23.98 17.13
CA LEU C 20 49.72 24.23 15.69
C LEU C 20 48.22 24.21 15.40
N ALA C 21 47.49 23.20 15.91
CA ALA C 21 46.05 23.12 15.63
C ALA C 21 45.39 24.42 16.12
N ALA C 22 45.79 24.92 17.31
CA ALA C 22 45.27 26.20 17.86
C ALA C 22 45.58 27.35 16.94
N GLU C 23 46.79 27.35 16.37
CA GLU C 23 47.18 28.43 15.50
C GLU C 23 46.37 28.45 14.20
N VAL C 24 45.97 27.30 13.67
CA VAL C 24 45.10 27.25 12.48
C VAL C 24 43.78 28.03 12.76
N LEU C 25 43.18 27.75 13.92
CA LEU C 25 41.98 28.49 14.38
C LEU C 25 42.19 30.02 14.62
N GLU C 26 43.33 30.42 15.18
CA GLU C 26 43.60 31.86 15.37
C GLU C 26 43.75 32.48 14.02
N MET C 27 44.38 31.76 13.09
CA MET C 27 44.60 32.28 11.74
C MET C 27 43.32 32.42 10.91
N ILE C 28 42.42 31.45 11.00
CA ILE C 28 41.35 31.41 10.02
C ILE C 28 40.20 32.43 10.33
N GLY C 29 40.16 32.91 11.56
CA GLY C 29 39.08 33.77 12.09
C GLY C 29 38.91 35.01 11.28
N GLU C 30 40.05 35.60 10.90
CA GLU C 30 40.14 36.78 10.00
C GLU C 30 39.41 36.66 8.62
N HIS C 31 39.32 35.41 8.13
CA HIS C 31 38.72 35.13 6.85
C HIS C 31 37.22 34.80 6.87
N ILE C 32 36.62 34.76 8.07
CA ILE C 32 35.28 34.30 8.20
C ILE C 32 34.29 35.44 8.17
N LYS C 33 33.57 35.54 7.06
CA LYS C 33 32.61 36.64 6.89
C LYS C 33 31.56 36.13 5.88
N PRO C 34 30.39 36.78 5.81
CA PRO C 34 29.35 36.40 4.83
C PRO C 34 29.93 36.38 3.40
N GLY C 35 29.58 35.36 2.63
CA GLY C 35 30.01 35.26 1.28
C GLY C 35 31.21 34.36 1.07
N VAL C 36 32.05 34.11 2.06
CA VAL C 36 33.24 33.20 1.79
C VAL C 36 32.70 31.75 1.82
N THR C 37 33.20 30.85 0.98
CA THR C 37 32.61 29.51 0.93
C THR C 37 33.41 28.62 1.94
N THR C 38 32.82 27.50 2.40
CA THR C 38 33.56 26.64 3.31
C THR C 38 34.77 26.04 2.57
N GLU C 39 34.63 25.87 1.26
CA GLU C 39 35.78 25.30 0.52
C GLU C 39 36.97 26.22 0.43
N GLU C 40 36.72 27.54 0.36
N GLU C 40 36.70 27.54 0.33
CA GLU C 40 37.82 28.51 0.41
CA GLU C 40 37.76 28.56 0.42
C GLU C 40 38.52 28.54 1.78
C GLU C 40 38.50 28.43 1.77
N LEU C 41 37.76 28.38 2.87
CA LEU C 41 38.32 28.26 4.20
C LEU C 41 39.16 27.02 4.27
N ASP C 42 38.66 25.94 3.62
CA ASP C 42 39.40 24.64 3.65
C ASP C 42 40.77 24.78 2.99
N ARG C 43 40.75 25.48 1.86
CA ARG C 43 41.97 25.68 1.05
C ARG C 43 43.00 26.54 1.83
N ILE C 44 42.52 27.59 2.49
CA ILE C 44 43.36 28.43 3.35
C ILE C 44 44.00 27.65 4.49
N CYS C 45 43.22 26.85 5.20
CA CYS C 45 43.74 26.04 6.31
C CYS C 45 44.71 25.01 5.73
N HIS C 46 44.32 24.35 4.65
CA HIS C 46 45.18 23.31 4.02
C HIS C 46 46.56 23.91 3.72
N ASP C 47 46.60 25.04 3.00
CA ASP C 47 47.87 25.66 2.63
C ASP C 47 48.69 26.12 3.84
N TYR C 48 48.03 26.70 4.86
CA TYR C 48 48.73 27.08 6.09
C TYR C 48 49.38 25.89 6.79
N ILE C 49 48.60 24.84 7.04
CA ILE C 49 49.10 23.64 7.69
C ILE C 49 50.24 23.03 6.85
N VAL C 50 50.08 22.91 5.53
CA VAL C 50 51.09 22.21 4.70
C VAL C 50 52.33 23.07 4.43
N ASN C 51 52.10 24.32 4.02
CA ASN C 51 53.21 25.19 3.62
C ASN C 51 53.87 25.95 4.75
N GLU C 52 53.11 26.33 5.79
CA GLU C 52 53.72 27.17 6.81
C GLU C 52 54.03 26.40 8.07
N GLN C 53 53.14 25.50 8.47
CA GLN C 53 53.37 24.71 9.64
C GLN C 53 54.20 23.48 9.33
N LYS C 54 54.39 23.14 8.05
CA LYS C 54 55.12 21.89 7.67
C LYS C 54 54.47 20.73 8.39
N ALA C 55 53.14 20.66 8.34
CA ALA C 55 52.47 19.55 9.00
C ALA C 55 51.41 19.04 8.01
N ILE C 56 50.49 18.21 8.51
CA ILE C 56 49.54 17.56 7.61
C ILE C 56 48.11 17.65 8.25
N PRO C 57 47.07 17.99 7.44
CA PRO C 57 45.71 18.01 7.98
C PRO C 57 45.26 16.59 8.15
N ALA C 58 45.09 16.16 9.40
CA ALA C 58 44.68 14.78 9.70
C ALA C 58 43.39 14.26 8.99
N PRO C 59 42.34 15.14 8.78
CA PRO C 59 41.09 14.62 8.18
C PRO C 59 41.29 14.19 6.74
N LEU C 60 42.28 14.74 6.08
CA LEU C 60 42.37 14.56 4.62
C LEU C 60 42.54 13.08 4.27
N ASN C 61 41.56 12.57 3.53
CA ASN C 61 41.48 11.15 3.12
C ASN C 61 41.31 10.15 4.27
N TYR C 62 40.93 10.66 5.45
CA TYR C 62 40.73 9.81 6.58
C TYR C 62 39.38 9.13 6.49
N LYS C 63 39.42 7.82 6.29
CA LYS C 63 38.21 7.02 6.02
C LYS C 63 37.38 7.62 4.91
N GLY C 64 38.01 8.20 3.88
CA GLY C 64 37.27 8.69 2.74
C GLY C 64 36.94 10.18 2.80
N PHE C 65 37.14 10.81 3.96
CA PHE C 65 36.80 12.24 4.10
C PHE C 65 37.61 13.03 3.08
N PRO C 66 36.92 13.84 2.23
CA PRO C 66 37.64 14.40 1.05
C PRO C 66 38.31 15.74 1.23
N LYS C 67 38.22 16.29 2.46
CA LYS C 67 38.77 17.64 2.65
C LYS C 67 39.73 17.71 3.81
N SER C 68 40.23 18.91 4.10
CA SER C 68 41.24 19.09 5.14
C SER C 68 40.76 19.48 6.55
N ILE C 69 39.54 20.00 6.62
CA ILE C 69 38.90 20.46 7.86
C ILE C 69 37.44 20.08 7.79
N CYS C 70 36.71 20.11 8.92
CA CYS C 70 35.27 19.96 8.85
C CYS C 70 34.66 21.35 9.16
N THR C 71 33.63 21.68 8.39
CA THR C 71 32.92 22.98 8.54
C THR C 71 31.45 22.63 8.71
N SER C 72 30.92 22.86 9.93
CA SER C 72 29.55 22.51 10.27
C SER C 72 28.77 23.79 10.58
N ILE C 73 27.68 23.98 9.89
CA ILE C 73 26.96 25.27 9.93
C ILE C 73 25.56 25.03 10.46
N ASN C 74 25.13 25.86 11.40
CA ASN C 74 23.70 25.82 11.83
C ASN C 74 23.19 24.45 12.40
N HIS C 75 22.20 23.82 11.74
CA HIS C 75 21.65 22.51 12.17
C HIS C 75 22.58 21.30 11.88
N VAL C 76 23.68 21.53 11.15
CA VAL C 76 24.74 20.54 11.01
C VAL C 76 25.40 20.39 12.39
N VAL C 77 25.48 19.13 12.86
CA VAL C 77 26.05 18.79 14.17
C VAL C 77 27.56 18.65 14.05
N CYS C 78 28.01 17.96 13.01
CA CYS C 78 29.43 17.70 12.89
C CYS C 78 29.77 17.17 11.52
N HIS C 79 31.09 17.21 11.25
CA HIS C 79 31.72 16.53 10.16
C HIS C 79 31.23 17.08 8.79
N GLY C 80 30.71 18.31 8.76
CA GLY C 80 30.33 18.95 7.49
C GLY C 80 31.50 18.97 6.52
N ILE C 81 31.23 18.57 5.26
CA ILE C 81 32.24 18.62 4.17
C ILE C 81 32.26 20.05 3.52
N PRO C 82 33.42 20.79 3.55
CA PRO C 82 33.59 22.09 2.91
C PRO C 82 33.11 22.06 1.44
N ASN C 83 32.41 23.08 1.00
CA ASN C 83 31.88 22.99 -0.39
C ASN C 83 31.76 24.44 -0.90
N GLU C 84 31.16 24.65 -2.06
CA GLU C 84 31.07 25.98 -2.69
C GLU C 84 29.89 26.86 -2.17
N LYS C 85 29.12 26.35 -1.22
CA LYS C 85 28.00 27.12 -0.66
C LYS C 85 28.58 28.27 0.20
N PRO C 86 28.18 29.51 -0.11
CA PRO C 86 28.74 30.55 0.73
C PRO C 86 28.16 30.62 2.15
N LEU C 87 28.97 31.08 3.11
CA LEU C 87 28.45 31.45 4.43
C LEU C 87 27.47 32.61 4.28
N LYS C 88 26.41 32.54 5.09
CA LYS C 88 25.36 33.57 5.08
C LYS C 88 25.38 34.32 6.44
N GLU C 89 25.14 35.63 6.42
CA GLU C 89 25.12 36.40 7.67
C GLU C 89 24.06 35.74 8.54
N GLY C 90 24.32 35.53 9.84
CA GLY C 90 23.38 34.85 10.72
C GLY C 90 23.80 33.40 11.06
N ASP C 91 24.61 32.78 10.19
CA ASP C 91 25.14 31.45 10.43
C ASP C 91 26.03 31.39 11.67
N ILE C 92 25.95 30.22 12.32
CA ILE C 92 26.98 29.77 13.27
C ILE C 92 27.76 28.66 12.61
N LEU C 93 29.07 28.79 12.75
CA LEU C 93 29.99 27.91 12.02
C LEU C 93 30.95 27.30 13.01
N ASN C 94 31.04 25.96 12.97
CA ASN C 94 32.12 25.27 13.65
C ASN C 94 33.22 24.92 12.61
N VAL C 95 34.46 25.31 12.93
CA VAL C 95 35.63 24.92 12.11
C VAL C 95 36.39 23.93 13.01
N ASP C 96 36.53 22.67 12.56
CA ASP C 96 37.18 21.63 13.36
C ASP C 96 38.48 21.26 12.65
N ILE C 97 39.58 21.54 13.36
CA ILE C 97 40.92 21.30 12.86
C ILE C 97 41.58 20.05 13.49
N THR C 98 42.31 19.27 12.70
CA THR C 98 43.22 18.35 13.33
C THR C 98 44.52 18.37 12.56
N VAL C 99 45.63 18.65 13.24
CA VAL C 99 46.94 18.76 12.57
C VAL C 99 47.81 17.58 13.02
N ILE C 100 48.56 16.96 12.09
CA ILE C 100 49.53 15.89 12.49
C ILE C 100 50.87 16.53 12.22
N LYS C 101 51.69 16.68 13.27
CA LYS C 101 53.04 17.24 13.16
C LYS C 101 53.97 16.12 13.57
N ASP C 102 54.71 15.58 12.61
CA ASP C 102 55.72 14.54 12.87
C ASP C 102 55.13 13.37 13.60
N GLY C 103 53.95 12.98 13.16
CA GLY C 103 53.30 11.81 13.69
C GLY C 103 52.36 12.04 14.90
N TYR C 104 52.33 13.26 15.47
CA TYR C 104 51.47 13.56 16.66
C TYR C 104 50.30 14.51 16.28
N HIS C 105 49.10 14.21 16.81
CA HIS C 105 47.81 14.86 16.45
C HIS C 105 47.46 15.90 17.48
N GLY C 106 46.99 17.06 17.00
CA GLY C 106 46.38 18.07 17.86
C GLY C 106 45.01 18.36 17.28
N ASP C 107 43.95 18.27 18.09
CA ASP C 107 42.57 18.31 17.60
C ASP C 107 41.74 19.29 18.42
N THR C 108 41.08 20.20 17.73
CA THR C 108 40.40 21.31 18.40
C THR C 108 39.43 21.97 17.43
N SER C 109 38.34 22.55 17.96
CA SER C 109 37.41 23.26 17.10
C SER C 109 36.85 24.44 17.86
N LYS C 110 36.32 25.38 17.09
CA LYS C 110 35.58 26.45 17.68
C LYS C 110 34.43 26.95 16.83
N MET C 111 33.50 27.63 17.51
CA MET C 111 32.40 28.29 16.88
C MET C 111 32.75 29.69 16.42
N PHE C 112 32.31 30.03 15.22
CA PHE C 112 32.32 31.39 14.75
C PHE C 112 30.91 31.91 14.46
N LEU C 113 30.75 33.19 14.76
CA LEU C 113 29.53 33.94 14.44
C LEU C 113 29.74 34.68 13.10
N VAL C 114 28.91 34.39 12.11
CA VAL C 114 29.02 34.99 10.74
C VAL C 114 28.22 36.32 10.63
N GLY C 115 28.91 37.44 10.68
CA GLY C 115 28.28 38.74 10.67
C GLY C 115 27.39 38.84 11.90
N LYS C 116 26.27 39.56 11.76
CA LYS C 116 25.33 39.66 12.90
C LYS C 116 24.50 38.37 13.01
N THR C 117 24.33 37.92 14.25
CA THR C 117 23.68 36.65 14.52
C THR C 117 22.64 36.87 15.59
N PRO C 118 21.59 36.07 15.55
CA PRO C 118 20.59 36.18 16.66
C PRO C 118 21.27 35.92 18.02
N GLU C 119 20.87 36.70 19.03
CA GLU C 119 21.50 36.63 20.31
C GLU C 119 21.35 35.23 20.94
N TRP C 120 20.25 34.53 20.67
CA TRP C 120 20.07 33.18 21.21
C TRP C 120 20.95 32.10 20.57
N ALA C 121 21.28 32.27 19.28
CA ALA C 121 22.37 31.45 18.66
C ALA C 121 23.69 31.69 19.38
N ASP C 122 24.02 32.96 19.65
CA ASP C 122 25.23 33.28 20.44
C ASP C 122 25.28 32.55 21.77
N ARG C 123 24.16 32.61 22.53
CA ARG C 123 24.09 31.95 23.79
C ARG C 123 24.25 30.46 23.68
N LEU C 124 23.61 29.80 22.68
CA LEU C 124 23.89 28.35 22.47
C LEU C 124 25.41 28.10 22.35
N CYS C 125 26.09 28.93 21.55
CA CYS C 125 27.55 28.77 21.36
C CYS C 125 28.32 28.99 22.66
N GLN C 126 27.97 30.05 23.41
CA GLN C 126 28.56 30.33 24.73
C GLN C 126 28.35 29.20 25.71
N ILE C 127 27.11 28.72 25.81
CA ILE C 127 26.78 27.70 26.78
C ILE C 127 27.55 26.42 26.42
N THR C 128 27.69 26.16 25.12
CA THR C 128 28.39 24.95 24.70
C THR C 128 29.86 25.02 25.08
N GLN C 129 30.49 26.18 24.87
CA GLN C 129 31.88 26.38 25.33
C GLN C 129 32.02 26.18 26.87
N GLU C 130 31.12 26.77 27.65
CA GLU C 130 31.06 26.47 29.08
C GLU C 130 31.01 25.04 29.42
N CYS C 131 30.16 24.28 28.73
CA CYS C 131 30.08 22.82 28.95
C CYS C 131 31.43 22.17 28.74
N MET C 132 32.09 22.53 27.63
CA MET C 132 33.45 22.02 27.38
C MET C 132 34.44 22.38 28.54
N TYR C 133 34.48 23.68 28.90
CA TYR C 133 35.31 24.17 30.01
C TYR C 133 35.03 23.44 31.35
N LYS C 134 33.76 23.12 31.63
CA LYS C 134 33.40 22.44 32.87
C LYS C 134 33.90 20.99 32.79
N GLY C 135 33.75 20.37 31.60
CA GLY C 135 34.24 18.99 31.40
C GLY C 135 35.74 18.94 31.67
N ILE C 136 36.46 19.97 31.20
CA ILE C 136 37.93 20.04 31.36
C ILE C 136 38.30 20.24 32.85
N SER C 137 37.51 21.08 33.52
CA SER C 137 37.76 21.43 34.92
C SER C 137 37.79 20.21 35.87
N VAL C 138 37.10 19.11 35.53
CA VAL C 138 37.04 17.92 36.40
C VAL C 138 38.13 16.90 36.12
N VAL C 139 38.96 17.17 35.11
CA VAL C 139 39.99 16.19 34.68
C VAL C 139 41.18 16.21 35.67
N ARG C 140 41.52 15.09 36.27
CA ARG C 140 42.71 14.98 37.15
C ARG C 140 42.87 13.51 37.43
N PRO C 141 44.09 13.09 37.86
CA PRO C 141 44.22 11.66 38.20
C PRO C 141 43.20 11.31 39.29
N GLY C 142 42.54 10.16 39.17
CA GLY C 142 41.58 9.70 40.15
C GLY C 142 40.12 10.08 39.82
N ALA C 143 39.91 11.06 38.90
CA ALA C 143 38.58 11.32 38.39
C ALA C 143 38.19 10.16 37.51
N HIS C 144 36.92 10.06 37.17
CA HIS C 144 36.43 9.00 36.30
C HIS C 144 35.82 9.66 35.05
N LEU C 145 35.74 8.93 33.94
CA LEU C 145 35.18 9.49 32.65
C LEU C 145 33.77 10.02 32.80
N GLY C 146 32.97 9.36 33.63
CA GLY C 146 31.62 9.79 33.89
C GLY C 146 31.52 11.19 34.47
N ASP C 147 32.56 11.64 35.19
CA ASP C 147 32.58 12.98 35.78
C ASP C 147 32.43 14.06 34.71
N ILE C 148 33.10 13.86 33.57
CA ILE C 148 33.11 14.77 32.46
C ILE C 148 31.69 14.78 31.82
N GLY C 149 31.08 13.61 31.62
CA GLY C 149 29.75 13.58 31.02
C GLY C 149 28.69 14.24 31.89
N GLU C 150 28.70 13.91 33.18
CA GLU C 150 27.67 14.49 34.10
C GLU C 150 27.75 15.99 34.13
N ILE C 151 28.95 16.56 34.29
CA ILE C 151 29.02 17.99 34.42
C ILE C 151 28.63 18.74 33.12
N ILE C 152 29.02 18.18 31.95
CA ILE C 152 28.52 18.74 30.69
C ILE C 152 27.00 18.62 30.62
N GLN C 153 26.49 17.44 30.96
CA GLN C 153 25.08 17.18 30.72
C GLN C 153 24.21 18.08 31.61
N LYS C 154 24.64 18.31 32.84
CA LYS C 154 23.80 19.09 33.73
C LYS C 154 23.76 20.55 33.24
N HIS C 155 24.91 21.05 32.73
CA HIS C 155 24.92 22.43 32.33
C HIS C 155 24.06 22.63 31.06
N ALA C 156 24.14 21.71 30.12
CA ALA C 156 23.39 21.83 28.87
C ALA C 156 21.89 21.78 29.21
N GLU C 157 21.53 20.80 30.03
CA GLU C 157 20.13 20.52 30.32
C GLU C 157 19.47 21.61 31.14
N LYS C 158 20.21 22.19 32.10
CA LYS C 158 19.68 23.34 32.84
C LYS C 158 19.28 24.49 31.85
N ASN C 159 20.07 24.65 30.79
CA ASN C 159 19.80 25.65 29.76
C ASN C 159 18.79 25.32 28.65
N GLY C 160 18.07 24.22 28.82
CA GLY C 160 17.06 23.67 27.88
C GLY C 160 17.63 23.03 26.62
N PHE C 161 18.93 22.73 26.59
CA PHE C 161 19.52 22.07 25.42
C PHE C 161 19.74 20.60 25.74
N SER C 162 20.18 19.83 24.75
CA SER C 162 20.43 18.41 24.95
C SER C 162 21.84 18.07 24.44
N VAL C 163 22.35 16.98 24.96
CA VAL C 163 23.66 16.53 24.55
C VAL C 163 23.56 15.46 23.47
N VAL C 164 24.41 15.59 22.45
CA VAL C 164 24.41 14.57 21.39
C VAL C 164 25.07 13.34 22.01
N ARG C 165 24.37 12.20 21.88
CA ARG C 165 24.89 10.93 22.40
C ARG C 165 25.56 10.07 21.33
N GLU C 166 25.34 10.39 20.07
CA GLU C 166 25.74 9.49 18.97
C GLU C 166 27.24 9.69 18.62
N TYR C 167 27.92 10.66 19.24
CA TYR C 167 29.30 11.02 18.88
C TYR C 167 29.94 11.32 20.21
N CYS C 168 31.25 11.10 20.30
CA CYS C 168 31.94 11.31 21.57
C CYS C 168 33.36 11.84 21.33
N GLY C 169 34.03 12.22 22.42
CA GLY C 169 35.48 12.59 22.40
C GLY C 169 36.29 11.27 22.41
N HIS C 170 37.61 11.35 22.36
CA HIS C 170 38.39 10.11 22.16
C HIS C 170 39.80 10.35 22.59
N GLY C 171 40.48 9.25 22.97
CA GLY C 171 41.94 9.26 23.08
C GLY C 171 42.57 9.71 21.78
N ILE C 172 43.70 10.38 21.90
CA ILE C 172 44.40 10.93 20.77
C ILE C 172 45.89 10.93 21.09
N GLY C 173 46.72 10.73 20.07
CA GLY C 173 48.18 10.62 20.31
C GLY C 173 48.92 10.53 18.98
N LYS C 174 49.67 9.45 18.77
CA LYS C 174 50.29 9.23 17.48
C LYS C 174 49.21 8.58 16.58
N VAL C 175 48.03 8.32 17.15
CA VAL C 175 46.89 7.96 16.33
C VAL C 175 45.76 8.99 16.53
N PHE C 176 44.90 9.12 15.54
CA PHE C 176 43.91 10.19 15.56
C PHE C 176 42.83 9.81 16.62
N HIS C 177 42.34 8.55 16.59
CA HIS C 177 41.22 8.10 17.42
C HIS C 177 41.63 6.85 18.15
N GLU C 178 41.81 6.92 19.46
CA GLU C 178 42.09 5.71 20.22
C GLU C 178 41.25 5.72 21.49
N GLU C 179 41.37 4.67 22.32
CA GLU C 179 40.58 4.63 23.59
C GLU C 179 41.02 5.81 24.44
N PRO C 180 40.11 6.36 25.29
CA PRO C 180 38.76 5.91 25.58
C PRO C 180 37.70 6.69 24.79
N GLN C 181 36.47 6.21 24.80
CA GLN C 181 35.34 7.01 24.33
C GLN C 181 35.02 7.98 25.43
N VAL C 182 35.01 9.30 25.11
CA VAL C 182 34.74 10.32 26.08
C VAL C 182 33.31 10.76 25.79
N LEU C 183 32.38 10.18 26.58
CA LEU C 183 30.96 10.52 26.43
C LEU C 183 30.68 11.90 27.04
N HIS C 184 29.82 12.72 26.43
CA HIS C 184 29.51 14.03 27.03
C HIS C 184 28.25 14.05 27.86
N TYR C 185 27.72 12.86 28.14
CA TYR C 185 26.62 12.70 29.12
C TYR C 185 27.01 11.57 30.07
N GLY C 186 26.34 11.47 31.23
CA GLY C 186 26.61 10.32 32.12
C GLY C 186 26.46 10.64 33.59
N ARG C 187 27.06 9.78 34.42
CA ARG C 187 26.93 9.85 35.89
C ARG C 187 28.32 9.95 36.56
N ALA C 188 28.48 10.87 37.51
CA ALA C 188 29.76 11.02 38.24
C ALA C 188 30.25 9.68 38.82
N GLY C 189 31.58 9.49 38.77
CA GLY C 189 32.19 8.30 39.37
C GLY C 189 32.11 7.04 38.54
N THR C 190 31.44 7.07 37.39
CA THR C 190 31.39 5.87 36.57
C THR C 190 32.47 5.86 35.43
N GLY C 191 32.66 4.71 34.80
CA GLY C 191 33.58 4.59 33.66
C GLY C 191 35.03 4.55 34.14
N ILE C 192 36.00 4.54 33.20
CA ILE C 192 37.40 4.36 33.62
C ILE C 192 38.00 5.52 34.41
N GLU C 193 38.92 5.15 35.29
CA GLU C 193 39.66 6.09 36.07
C GLU C 193 40.78 6.76 35.27
N LEU C 194 40.90 8.08 35.43
CA LEU C 194 41.95 8.85 34.77
C LEU C 194 43.33 8.82 35.48
N LYS C 195 44.40 8.79 34.67
CA LYS C 195 45.79 8.64 35.10
C LYS C 195 46.65 9.69 34.39
N GLU C 196 47.61 10.25 35.12
CA GLU C 196 48.64 11.04 34.50
C GLU C 196 49.17 10.42 33.16
N GLY C 197 49.44 11.30 32.18
CA GLY C 197 49.84 10.93 30.86
C GLY C 197 48.72 10.47 29.93
N MET C 198 47.48 10.32 30.40
CA MET C 198 46.41 10.08 29.41
C MET C 198 46.14 11.40 28.58
N ILE C 199 45.81 11.25 27.31
CA ILE C 199 45.46 12.42 26.43
C ILE C 199 44.19 12.03 25.63
N PHE C 200 43.17 12.90 25.67
CA PHE C 200 41.93 12.66 25.01
C PHE C 200 41.27 14.01 24.73
N THR C 201 40.21 13.99 23.92
CA THR C 201 39.52 15.24 23.49
C THR C 201 38.28 15.38 24.34
N ILE C 202 37.82 16.62 24.56
CA ILE C 202 36.48 16.84 25.10
C ILE C 202 35.86 17.75 24.06
N GLU C 203 34.76 17.27 23.46
CA GLU C 203 34.23 17.88 22.23
C GLU C 203 32.71 17.78 22.23
N PRO C 204 32.06 18.24 23.34
CA PRO C 204 30.58 18.10 23.41
C PRO C 204 29.82 18.73 22.16
N MET C 205 28.86 18.00 21.59
CA MET C 205 27.93 18.57 20.60
C MET C 205 26.62 18.81 21.36
N ILE C 206 26.16 20.06 21.33
CA ILE C 206 25.01 20.45 22.16
C ILE C 206 23.97 21.02 21.26
N ASN C 207 22.76 20.44 21.30
CA ASN C 207 21.67 20.79 20.39
C ASN C 207 20.65 21.73 21.09
N GLN C 208 20.09 22.65 20.30
CA GLN C 208 19.06 23.57 20.80
C GLN C 208 17.79 22.77 21.13
N GLY C 209 17.45 21.80 20.30
CA GLY C 209 16.24 20.96 20.58
C GLY C 209 16.59 19.59 21.09
N ARG C 210 16.14 18.58 20.35
CA ARG C 210 16.25 17.20 20.84
C ARG C 210 17.64 16.66 20.44
N PRO C 211 18.16 15.62 21.14
CA PRO C 211 19.52 15.10 20.87
C PRO C 211 19.72 14.29 19.57
N GLU C 212 18.65 13.80 18.93
CA GLU C 212 18.88 12.83 17.80
C GLU C 212 19.47 13.53 16.56
N THR C 213 20.39 12.83 15.91
CA THR C 213 20.91 13.27 14.64
C THR C 213 20.55 12.29 13.47
N ARG C 214 20.84 12.71 12.24
CA ARG C 214 20.48 12.03 10.96
C ARG C 214 21.71 12.32 10.09
N LEU C 215 22.18 11.30 9.39
CA LEU C 215 23.32 11.43 8.52
C LEU C 215 22.83 11.74 7.07
N LEU C 216 23.45 12.71 6.41
CA LEU C 216 23.16 13.02 5.00
C LEU C 216 23.79 11.93 4.09
N GLY C 217 23.55 12.02 2.78
CA GLY C 217 23.96 10.97 1.83
C GLY C 217 25.44 10.99 1.52
N ASP C 218 26.16 12.01 1.92
CA ASP C 218 27.61 11.98 1.73
C ASP C 218 28.30 11.05 2.76
N GLY C 219 27.54 10.46 3.67
CA GLY C 219 28.11 9.57 4.71
C GLY C 219 28.79 10.22 5.93
N TRP C 220 28.91 11.54 5.93
CA TRP C 220 29.67 12.26 6.96
C TRP C 220 28.82 13.37 7.64
N THR C 221 28.11 14.18 6.84
CA THR C 221 27.41 15.33 7.41
C THR C 221 26.23 14.86 8.25
N ALA C 222 26.29 15.15 9.54
CA ALA C 222 25.23 14.84 10.51
C ALA C 222 24.46 16.13 10.81
N ILE C 223 23.12 16.08 10.71
CA ILE C 223 22.24 17.24 11.05
C ILE C 223 21.30 16.86 12.24
N THR C 224 20.68 17.85 12.89
CA THR C 224 19.77 17.56 13.97
C THR C 224 18.54 17.06 13.24
N LYS C 225 18.02 15.96 13.74
CA LYS C 225 16.75 15.46 13.24
C LYS C 225 15.62 16.54 13.27
N ASP C 226 15.55 17.35 14.32
CA ASP C 226 14.50 18.40 14.34
C ASP C 226 14.87 19.73 13.61
N ARG C 227 16.10 19.84 13.04
CA ARG C 227 16.54 20.94 12.20
C ARG C 227 16.83 22.18 13.01
N LYS C 228 16.91 22.00 14.32
CA LYS C 228 17.35 23.10 15.21
C LYS C 228 18.89 23.21 15.28
N LEU C 229 19.38 24.28 15.93
CA LEU C 229 20.82 24.52 15.91
C LEU C 229 21.57 23.56 16.80
N SER C 230 22.85 23.39 16.49
CA SER C 230 23.76 22.57 17.27
C SER C 230 25.12 23.26 17.27
N ALA C 231 25.82 23.25 18.39
CA ALA C 231 27.13 23.89 18.48
C ALA C 231 28.10 22.89 19.11
N GLN C 232 29.38 23.10 18.83
CA GLN C 232 30.41 22.21 19.39
C GLN C 232 31.64 23.07 19.64
N TRP C 233 32.41 22.76 20.68
CA TRP C 233 33.77 23.26 20.80
C TRP C 233 34.59 22.07 21.24
N GLU C 234 35.90 22.09 20.97
CA GLU C 234 36.76 20.93 21.24
C GLU C 234 38.16 21.37 21.65
N HIS C 235 38.71 20.65 22.63
CA HIS C 235 40.13 20.75 23.00
C HIS C 235 40.70 19.35 23.23
N THR C 236 42.02 19.28 23.05
CA THR C 236 42.81 18.14 23.35
C THR C 236 43.39 18.36 24.73
N VAL C 237 43.15 17.39 25.60
CA VAL C 237 43.45 17.55 27.03
C VAL C 237 44.44 16.49 27.55
N LEU C 238 45.52 16.97 28.20
CA LEU C 238 46.45 16.07 28.93
C LEU C 238 46.08 15.93 30.43
N VAL C 239 46.06 14.71 30.96
CA VAL C 239 46.01 14.49 32.42
C VAL C 239 47.44 14.63 32.96
N THR C 240 47.62 15.61 33.87
CA THR C 240 48.92 15.87 34.50
C THR C 240 48.91 15.37 35.96
N ALA C 241 50.04 15.55 36.65
CA ALA C 241 50.16 15.08 38.02
C ALA C 241 49.13 15.83 38.89
N ASP C 242 48.94 17.13 38.59
CA ASP C 242 48.08 18.08 39.31
C ASP C 242 46.61 18.09 38.90
N GLY C 243 46.34 17.74 37.65
CA GLY C 243 45.00 17.81 37.09
C GLY C 243 45.05 17.72 35.54
N TYR C 244 44.88 18.87 34.85
CA TYR C 244 44.73 18.91 33.39
C TYR C 244 45.70 19.93 32.78
N GLU C 245 45.99 19.76 31.48
CA GLU C 245 46.63 20.81 30.66
C GLU C 245 45.91 20.78 29.28
N ILE C 246 45.45 21.95 28.83
CA ILE C 246 44.78 22.07 27.55
C ILE C 246 45.89 22.24 26.47
N LEU C 247 46.04 21.27 25.59
CA LEU C 247 47.12 21.34 24.61
C LEU C 247 46.84 22.30 23.47
N THR C 248 45.56 22.64 23.27
CA THR C 248 45.11 23.35 22.05
C THR C 248 44.57 24.71 22.45
N LEU C 249 45.00 25.17 23.61
CA LEU C 249 44.56 26.49 24.05
C LEU C 249 45.00 27.54 23.06
N ARG C 250 44.08 28.45 22.74
CA ARG C 250 44.39 29.66 21.92
C ARG C 250 44.78 30.89 22.78
N ASN C 251 45.50 31.81 22.17
CA ASN C 251 45.81 33.12 22.75
C ASN C 251 44.63 34.07 23.05
N ASP C 252 43.46 33.83 22.45
CA ASP C 252 42.25 34.60 22.67
C ASP C 252 41.42 33.99 23.80
N GLU C 253 41.91 32.94 24.48
CA GLU C 253 41.11 32.24 25.49
C GLU C 253 41.58 32.66 26.89
N THR C 254 40.61 32.95 27.75
CA THR C 254 40.96 33.33 29.14
C THR C 254 40.84 32.17 30.17
N PHE C 255 40.33 31.01 29.75
CA PHE C 255 40.28 29.85 30.63
C PHE C 255 41.73 29.39 30.91
N PRO C 256 42.00 29.04 32.20
CA PRO C 256 43.36 28.66 32.60
C PRO C 256 43.88 27.47 31.78
N ARG C 257 45.09 27.59 31.21
CA ARG C 257 45.69 26.49 30.46
C ARG C 257 45.88 25.18 31.27
N THR C 258 46.26 25.29 32.57
CA THR C 258 46.59 24.13 33.41
C THR C 258 45.96 24.31 34.80
N SER C 259 45.77 23.19 35.52
CA SER C 259 45.36 23.24 36.94
C SER C 259 46.25 24.23 37.72
N ALA C 260 47.55 24.23 37.43
CA ALA C 260 48.50 25.16 38.05
C ALA C 260 48.19 26.65 37.83
N ALA C 261 47.88 27.06 36.59
CA ALA C 261 47.36 28.42 36.31
C ALA C 261 46.01 28.71 37.00
N GLU C 262 45.17 27.67 37.18
CA GLU C 262 43.86 27.79 37.85
C GLU C 262 44.04 28.00 39.37
N PHE C 263 45.02 27.30 39.96
CA PHE C 263 45.40 27.44 41.38
C PHE C 263 45.96 28.84 41.66
N GLU C 264 46.84 29.32 40.79
CA GLU C 264 47.41 30.67 40.86
C GLU C 264 46.35 31.78 40.87
N LEU C 265 45.43 31.75 39.91
CA LEU C 265 44.37 32.77 39.82
C LEU C 265 43.41 32.84 41.03
N VAL C 266 43.24 31.71 41.75
CA VAL C 266 42.52 31.70 43.03
C VAL C 266 43.32 32.44 44.17
N ASP C 267 44.53 32.90 43.83
CA ASP C 267 45.32 33.87 44.61
C ASP C 267 45.45 35.16 43.80
N THR D 2 7.48 -15.15 -14.74
CA THR D 2 6.69 -16.11 -15.58
C THR D 2 6.39 -17.37 -14.75
N VAL D 3 5.12 -17.49 -14.37
CA VAL D 3 4.59 -18.66 -13.66
C VAL D 3 4.80 -19.97 -14.41
N THR D 4 5.31 -20.98 -13.70
CA THR D 4 5.65 -22.25 -14.32
C THR D 4 4.38 -23.05 -14.38
N ILE D 5 4.29 -23.89 -15.40
CA ILE D 5 3.15 -24.75 -15.63
C ILE D 5 3.62 -26.19 -15.41
N LYS D 6 3.01 -26.87 -14.43
CA LYS D 6 3.42 -28.22 -14.16
C LYS D 6 2.92 -29.18 -15.23
N THR D 7 3.79 -30.12 -15.60
CA THR D 7 3.50 -31.21 -16.50
C THR D 7 2.75 -32.31 -15.77
N PRO D 8 2.13 -33.27 -16.52
CA PRO D 8 1.34 -34.31 -15.84
C PRO D 8 2.15 -35.12 -14.79
N ASP D 9 3.41 -35.43 -15.12
CA ASP D 9 4.25 -36.15 -14.16
C ASP D 9 4.52 -35.30 -12.88
N ASP D 10 4.82 -34.00 -13.07
CA ASP D 10 5.02 -33.05 -11.97
C ASP D 10 3.80 -33.06 -11.08
N ILE D 11 2.65 -33.06 -11.72
CA ILE D 11 1.37 -33.11 -11.01
C ILE D 11 1.24 -34.38 -10.12
N GLU D 12 1.58 -35.56 -10.63
CA GLU D 12 1.50 -36.77 -9.81
C GLU D 12 2.42 -36.64 -8.60
N LYS D 13 3.61 -36.11 -8.84
CA LYS D 13 4.58 -35.89 -7.79
C LYS D 13 4.13 -34.84 -6.73
N MET D 14 3.44 -33.78 -7.19
CA MET D 14 2.90 -32.76 -6.26
C MET D 14 1.75 -33.37 -5.43
N ARG D 15 0.94 -34.24 -6.07
CA ARG D 15 -0.15 -34.88 -5.31
C ARG D 15 0.39 -35.71 -4.16
N ILE D 16 1.47 -36.46 -4.41
CA ILE D 16 2.12 -37.29 -3.37
C ILE D 16 2.61 -36.37 -2.26
N ALA D 17 3.31 -35.30 -2.63
CA ALA D 17 3.90 -34.36 -1.60
C ALA D 17 2.76 -33.67 -0.76
N GLY D 18 1.69 -33.31 -1.48
CA GLY D 18 0.49 -32.66 -0.90
C GLY D 18 -0.18 -33.59 0.14
N ARG D 19 -0.31 -34.87 -0.23
CA ARG D 19 -0.97 -35.85 0.63
C ARG D 19 -0.05 -36.03 1.81
N LEU D 20 1.27 -36.07 1.64
CA LEU D 20 2.13 -36.29 2.78
C LEU D 20 2.03 -35.09 3.74
N ALA D 21 2.05 -33.87 3.20
CA ALA D 21 1.98 -32.65 4.08
C ALA D 21 0.65 -32.67 4.87
N ALA D 22 -0.45 -33.04 4.21
CA ALA D 22 -1.76 -33.18 4.89
C ALA D 22 -1.67 -34.19 6.04
N GLU D 23 -0.98 -35.31 5.81
CA GLU D 23 -0.96 -36.40 6.80
C GLU D 23 -0.12 -36.01 7.99
N VAL D 24 0.86 -35.12 7.77
CA VAL D 24 1.56 -34.55 8.97
C VAL D 24 0.58 -33.77 9.89
N LEU D 25 -0.28 -32.93 9.30
CA LEU D 25 -1.32 -32.24 10.17
C LEU D 25 -2.31 -33.22 10.77
N GLU D 26 -2.70 -34.23 9.99
CA GLU D 26 -3.65 -35.23 10.51
C GLU D 26 -3.00 -35.95 11.73
N MET D 27 -1.70 -36.28 11.58
CA MET D 27 -0.95 -36.95 12.65
C MET D 27 -0.77 -36.11 13.93
N ILE D 28 -0.37 -34.84 13.74
CA ILE D 28 0.07 -34.04 14.88
C ILE D 28 -1.14 -33.64 15.73
N GLY D 29 -2.33 -33.62 15.12
CA GLY D 29 -3.55 -33.19 15.83
C GLY D 29 -3.72 -33.98 17.15
N GLU D 30 -3.43 -35.29 17.08
CA GLU D 30 -3.58 -36.18 18.26
C GLU D 30 -2.62 -35.85 19.35
N HIS D 31 -1.59 -35.07 19.05
CA HIS D 31 -0.62 -34.73 20.09
C HIS D 31 -0.85 -33.36 20.76
N ILE D 32 -1.79 -32.60 20.26
CA ILE D 32 -1.90 -31.19 20.66
C ILE D 32 -2.89 -31.11 21.86
N LYS D 33 -2.35 -30.74 23.02
CA LYS D 33 -3.17 -30.53 24.26
C LYS D 33 -2.43 -29.56 25.20
N PRO D 34 -3.12 -29.02 26.24
CA PRO D 34 -2.36 -28.14 27.10
C PRO D 34 -1.14 -28.82 27.73
N GLY D 35 -0.03 -28.10 27.87
CA GLY D 35 1.17 -28.67 28.49
C GLY D 35 2.26 -29.12 27.52
N VAL D 36 1.89 -29.51 26.29
CA VAL D 36 2.87 -29.97 25.30
C VAL D 36 3.59 -28.75 24.79
N THR D 37 4.91 -28.82 24.62
CA THR D 37 5.63 -27.65 24.13
C THR D 37 5.66 -27.65 22.59
N THR D 38 5.77 -26.47 21.98
CA THR D 38 5.82 -26.45 20.50
C THR D 38 7.15 -27.06 19.98
N GLU D 39 8.25 -27.04 20.78
CA GLU D 39 9.50 -27.75 20.32
C GLU D 39 9.32 -29.28 20.32
N GLU D 40 8.45 -29.81 21.19
N GLU D 40 8.44 -29.78 21.21
CA GLU D 40 8.07 -31.23 21.15
CA GLU D 40 8.03 -31.19 21.26
C GLU D 40 7.27 -31.54 19.88
C GLU D 40 7.24 -31.56 19.98
N LEU D 41 6.24 -30.74 19.62
CA LEU D 41 5.48 -30.93 18.36
C LEU D 41 6.43 -30.93 17.14
N ASP D 42 7.39 -30.04 17.16
CA ASP D 42 8.34 -29.91 16.05
C ASP D 42 9.15 -31.21 15.93
N ARG D 43 9.59 -31.75 17.07
CA ARG D 43 10.42 -32.97 17.03
C ARG D 43 9.60 -34.14 16.49
N ILE D 44 8.36 -34.25 16.95
CA ILE D 44 7.45 -35.29 16.51
C ILE D 44 7.15 -35.19 14.97
N CYS D 45 6.84 -33.97 14.48
CA CYS D 45 6.68 -33.78 13.02
C CYS D 45 7.96 -34.08 12.27
N HIS D 46 9.08 -33.56 12.74
CA HIS D 46 10.40 -33.85 12.17
C HIS D 46 10.63 -35.35 11.95
N ASP D 47 10.44 -36.14 13.01
CA ASP D 47 10.78 -37.60 12.99
C ASP D 47 9.79 -38.32 12.04
N TYR D 48 8.54 -37.90 12.10
CA TYR D 48 7.53 -38.39 11.14
C TYR D 48 7.91 -38.18 9.65
N ILE D 49 8.29 -36.94 9.28
CA ILE D 49 8.55 -36.59 7.87
C ILE D 49 9.82 -37.37 7.45
N VAL D 50 10.83 -37.32 8.31
CA VAL D 50 12.13 -37.83 7.89
C VAL D 50 12.17 -39.39 7.96
N ASN D 51 11.69 -39.95 9.07
CA ASN D 51 11.88 -41.37 9.34
C ASN D 51 10.78 -42.20 8.75
N GLU D 52 9.57 -41.63 8.67
CA GLU D 52 8.39 -42.39 8.16
C GLU D 52 8.01 -42.10 6.75
N GLN D 53 7.82 -40.82 6.42
CA GLN D 53 7.48 -40.46 5.07
C GLN D 53 8.69 -40.56 4.10
N LYS D 54 9.91 -40.57 4.64
CA LYS D 54 11.17 -40.56 3.80
C LYS D 54 11.15 -39.31 2.97
N ALA D 55 10.80 -38.21 3.65
CA ALA D 55 10.73 -36.91 3.04
C ALA D 55 11.57 -35.89 3.89
N ILE D 56 11.48 -34.59 3.55
CA ILE D 56 12.30 -33.57 4.22
C ILE D 56 11.39 -32.40 4.65
N PRO D 57 11.62 -31.87 5.88
CA PRO D 57 10.86 -30.67 6.26
C PRO D 57 11.51 -29.45 5.64
N ALA D 58 10.85 -28.94 4.60
CA ALA D 58 11.32 -27.77 3.84
C ALA D 58 11.76 -26.52 4.63
N PRO D 59 11.05 -26.16 5.73
CA PRO D 59 11.52 -24.99 6.49
C PRO D 59 12.88 -25.16 7.17
N LEU D 60 13.36 -26.40 7.41
CA LEU D 60 14.60 -26.59 8.18
C LEU D 60 15.80 -25.95 7.49
N ASN D 61 16.43 -25.00 8.17
CA ASN D 61 17.56 -24.21 7.67
C ASN D 61 17.24 -23.33 6.44
N TYR D 62 15.96 -23.11 6.15
CA TYR D 62 15.57 -22.38 4.94
C TYR D 62 15.70 -20.86 5.27
N LYS D 63 16.62 -20.17 4.59
CA LYS D 63 16.99 -18.75 4.91
C LYS D 63 17.28 -18.62 6.41
N GLY D 64 17.82 -19.70 6.98
CA GLY D 64 18.21 -19.66 8.35
C GLY D 64 17.15 -20.10 9.36
N PHE D 65 15.91 -20.40 8.95
CA PHE D 65 14.88 -20.80 9.89
C PHE D 65 15.34 -22.07 10.65
N PRO D 66 15.32 -22.03 11.99
CA PRO D 66 16.00 -23.09 12.78
C PRO D 66 15.20 -24.33 13.13
N LYS D 67 13.97 -24.47 12.65
CA LYS D 67 13.18 -25.62 13.05
C LYS D 67 12.53 -26.25 11.82
N SER D 68 11.78 -27.31 12.01
CA SER D 68 11.19 -28.07 10.91
C SER D 68 9.76 -27.65 10.49
N ILE D 69 9.07 -26.97 11.42
CA ILE D 69 7.67 -26.52 11.19
C ILE D 69 7.59 -25.15 11.82
N CYS D 70 6.49 -24.46 11.58
CA CYS D 70 6.23 -23.16 12.22
C CYS D 70 5.06 -23.37 13.10
N THR D 71 5.10 -22.75 14.27
CA THR D 71 4.04 -22.92 15.30
C THR D 71 3.71 -21.50 15.77
N SER D 72 2.57 -20.98 15.35
CA SER D 72 2.20 -19.55 15.62
C SER D 72 1.01 -19.56 16.57
N ILE D 73 1.14 -18.90 17.71
CA ILE D 73 0.15 -18.94 18.77
C ILE D 73 -0.43 -17.55 18.99
N ASN D 74 -1.76 -17.50 19.07
CA ASN D 74 -2.48 -16.35 19.54
C ASN D 74 -2.21 -15.12 18.68
N HIS D 75 -1.59 -14.06 19.22
CA HIS D 75 -1.23 -12.87 18.46
C HIS D 75 -0.09 -13.03 17.47
N VAL D 76 0.61 -14.20 17.47
CA VAL D 76 1.59 -14.44 16.44
C VAL D 76 0.87 -14.65 15.09
N VAL D 77 1.36 -13.96 14.05
CA VAL D 77 0.69 -13.97 12.75
C VAL D 77 1.18 -15.11 11.85
N CYS D 78 2.50 -15.29 11.76
CA CYS D 78 3.04 -16.37 10.93
C CYS D 78 4.48 -16.61 11.37
N HIS D 79 5.01 -17.78 11.00
CA HIS D 79 6.44 -18.13 11.16
C HIS D 79 6.90 -18.23 12.64
N GLY D 80 6.01 -18.49 13.60
CA GLY D 80 6.45 -18.66 14.99
C GLY D 80 7.47 -19.82 15.05
N ILE D 81 8.44 -19.70 15.93
CA ILE D 81 9.50 -20.69 16.05
C ILE D 81 9.22 -21.65 17.22
N PRO D 82 9.11 -22.98 16.95
CA PRO D 82 8.91 -23.94 18.03
C PRO D 82 9.93 -23.78 19.19
N ASN D 83 9.47 -23.84 20.43
CA ASN D 83 10.35 -23.52 21.55
C ASN D 83 9.82 -24.20 22.80
N GLU D 84 10.37 -23.84 23.98
CA GLU D 84 10.10 -24.61 25.24
C GLU D 84 8.83 -24.22 25.94
N LYS D 85 8.13 -23.20 25.47
CA LYS D 85 6.85 -22.77 26.10
C LYS D 85 5.76 -23.81 25.91
N PRO D 86 5.05 -24.12 26.99
CA PRO D 86 3.95 -25.09 26.93
C PRO D 86 2.70 -24.41 26.34
N LEU D 87 1.92 -25.13 25.53
CA LEU D 87 0.61 -24.65 25.09
C LEU D 87 -0.20 -24.47 26.38
N LYS D 88 -1.07 -23.47 26.38
CA LYS D 88 -1.95 -23.16 27.53
C LYS D 88 -3.40 -23.36 27.09
N GLU D 89 -4.24 -23.76 28.05
CA GLU D 89 -5.69 -23.82 27.78
C GLU D 89 -6.11 -22.46 27.20
N GLY D 90 -6.89 -22.50 26.12
CA GLY D 90 -7.39 -21.26 25.51
C GLY D 90 -6.59 -20.75 24.32
N ASP D 91 -5.36 -21.27 24.16
CA ASP D 91 -4.50 -20.84 23.04
C ASP D 91 -5.12 -21.24 21.70
N ILE D 92 -4.86 -20.44 20.63
CA ILE D 92 -5.09 -20.99 19.29
C ILE D 92 -3.71 -21.19 18.70
N LEU D 93 -3.58 -22.24 17.91
CA LEU D 93 -2.26 -22.63 17.41
C LEU D 93 -2.36 -22.91 15.92
N ASN D 94 -1.50 -22.21 15.12
CA ASN D 94 -1.26 -22.61 13.76
C ASN D 94 -0.03 -23.57 13.66
N VAL D 95 -0.19 -24.77 13.11
CA VAL D 95 0.94 -25.60 12.74
C VAL D 95 1.00 -25.49 11.23
N ASP D 96 2.13 -25.01 10.74
CA ASP D 96 2.39 -24.85 9.34
C ASP D 96 3.49 -25.84 8.92
N ILE D 97 3.17 -26.69 7.94
CA ILE D 97 3.98 -27.81 7.43
C ILE D 97 4.32 -27.53 5.99
N THR D 98 5.57 -27.83 5.64
CA THR D 98 5.93 -28.08 4.24
C THR D 98 6.82 -29.29 4.16
N VAL D 99 6.42 -30.21 3.33
CA VAL D 99 7.17 -31.45 3.13
C VAL D 99 7.76 -31.36 1.74
N ILE D 100 9.01 -31.85 1.55
CA ILE D 100 9.62 -32.04 0.17
C ILE D 100 9.82 -33.54 0.01
N LYS D 101 9.14 -34.08 -0.98
CA LYS D 101 9.22 -35.52 -1.21
C LYS D 101 9.77 -35.67 -2.62
N ASP D 102 10.99 -36.18 -2.73
CA ASP D 102 11.72 -36.26 -4.02
C ASP D 102 11.76 -35.00 -4.85
N GLY D 103 11.98 -33.90 -4.14
CA GLY D 103 12.13 -32.62 -4.77
C GLY D 103 10.86 -31.74 -4.97
N TYR D 104 9.69 -32.28 -4.66
CA TYR D 104 8.41 -31.61 -4.78
C TYR D 104 7.83 -31.19 -3.44
N HIS D 105 7.22 -29.99 -3.40
CA HIS D 105 6.80 -29.37 -2.10
C HIS D 105 5.29 -29.48 -1.93
N GLY D 106 4.83 -29.82 -0.69
CA GLY D 106 3.43 -29.68 -0.31
C GLY D 106 3.39 -28.81 0.92
N ASP D 107 2.62 -27.70 0.86
CA ASP D 107 2.65 -26.68 1.91
C ASP D 107 1.22 -26.50 2.51
N THR D 108 1.02 -26.64 3.84
CA THR D 108 -0.33 -26.56 4.38
C THR D 108 -0.29 -26.23 5.85
N SER D 109 -1.34 -25.57 6.34
CA SER D 109 -1.35 -25.27 7.77
C SER D 109 -2.80 -25.38 8.28
N LYS D 110 -2.96 -25.60 9.59
CA LYS D 110 -4.32 -25.54 10.11
C LYS D 110 -4.31 -24.93 11.51
N MET D 111 -5.47 -24.43 11.95
CA MET D 111 -5.61 -24.00 13.36
C MET D 111 -6.09 -25.13 14.25
N PHE D 112 -5.53 -25.14 15.47
CA PHE D 112 -5.92 -26.03 16.56
C PHE D 112 -6.39 -25.17 17.73
N LEU D 113 -7.50 -25.58 18.33
CA LEU D 113 -8.04 -24.92 19.51
C LEU D 113 -7.53 -25.76 20.71
N VAL D 114 -6.81 -25.15 21.61
CA VAL D 114 -6.10 -25.92 22.65
C VAL D 114 -6.99 -25.90 23.91
N GLY D 115 -7.56 -27.06 24.25
CA GLY D 115 -8.49 -27.11 25.38
C GLY D 115 -9.72 -26.26 25.07
N LYS D 116 -10.37 -25.76 26.12
CA LYS D 116 -11.50 -24.85 25.99
C LYS D 116 -11.00 -23.50 25.44
N THR D 117 -11.66 -22.99 24.42
CA THR D 117 -11.21 -21.71 23.84
C THR D 117 -12.32 -20.67 23.90
N PRO D 118 -11.95 -19.38 24.06
CA PRO D 118 -13.02 -18.35 24.07
C PRO D 118 -13.75 -18.24 22.69
N GLU D 119 -15.01 -17.81 22.73
CA GLU D 119 -15.87 -17.76 21.56
C GLU D 119 -15.29 -16.90 20.43
N TRP D 120 -14.61 -15.82 20.79
CA TRP D 120 -14.08 -14.84 19.85
C TRP D 120 -12.87 -15.44 19.12
N ALA D 121 -12.17 -16.34 19.82
CA ALA D 121 -11.03 -17.04 19.17
C ALA D 121 -11.58 -18.05 18.16
N ASP D 122 -12.62 -18.76 18.57
CA ASP D 122 -13.26 -19.77 17.70
C ASP D 122 -13.81 -19.10 16.42
N ARG D 123 -14.53 -17.98 16.60
CA ARG D 123 -15.07 -17.22 15.48
C ARG D 123 -14.00 -16.78 14.45
N LEU D 124 -12.93 -16.18 14.95
CA LEU D 124 -11.81 -15.80 14.09
C LEU D 124 -11.29 -17.04 13.29
N CYS D 125 -11.07 -18.18 13.97
CA CYS D 125 -10.53 -19.37 13.27
C CYS D 125 -11.51 -19.86 12.20
N GLN D 126 -12.78 -19.82 12.54
CA GLN D 126 -13.83 -20.25 11.62
C GLN D 126 -13.89 -19.35 10.37
N ILE D 127 -13.88 -18.04 10.58
CA ILE D 127 -14.08 -17.09 9.48
C ILE D 127 -12.82 -17.18 8.60
N THR D 128 -11.65 -17.41 9.18
CA THR D 128 -10.42 -17.46 8.35
C THR D 128 -10.43 -18.70 7.48
N GLN D 129 -10.90 -19.82 8.04
CA GLN D 129 -11.05 -21.04 7.25
C GLN D 129 -12.01 -20.83 6.10
N GLU D 130 -13.14 -20.17 6.38
CA GLU D 130 -14.11 -19.87 5.34
C GLU D 130 -13.51 -19.00 4.28
N CYS D 131 -12.69 -18.03 4.71
CA CYS D 131 -12.05 -17.13 3.74
C CYS D 131 -11.18 -17.96 2.79
N MET D 132 -10.39 -18.85 3.38
CA MET D 132 -9.47 -19.64 2.57
C MET D 132 -10.27 -20.49 1.59
N TYR D 133 -11.30 -21.21 2.07
CA TYR D 133 -12.21 -21.99 1.18
C TYR D 133 -12.85 -21.18 0.06
N LYS D 134 -13.36 -19.97 0.40
CA LYS D 134 -13.86 -19.06 -0.62
C LYS D 134 -12.83 -18.73 -1.68
N GLY D 135 -11.60 -18.39 -1.25
CA GLY D 135 -10.50 -18.11 -2.20
C GLY D 135 -10.21 -19.29 -3.10
N ILE D 136 -10.17 -20.48 -2.51
CA ILE D 136 -10.05 -21.72 -3.30
C ILE D 136 -11.19 -21.90 -4.38
N SER D 137 -12.43 -21.64 -3.98
CA SER D 137 -13.58 -21.85 -4.84
C SER D 137 -13.61 -21.04 -6.13
N VAL D 138 -12.88 -19.94 -6.20
CA VAL D 138 -12.99 -19.14 -7.42
C VAL D 138 -11.89 -19.52 -8.39
N VAL D 139 -11.04 -20.46 -7.97
CA VAL D 139 -9.89 -20.88 -8.83
C VAL D 139 -10.38 -21.81 -9.97
N ARG D 140 -10.07 -21.41 -11.21
CA ARG D 140 -10.30 -22.20 -12.44
C ARG D 140 -9.54 -21.49 -13.57
N PRO D 141 -9.29 -22.20 -14.70
CA PRO D 141 -8.69 -21.45 -15.82
C PRO D 141 -9.59 -20.28 -16.25
N GLY D 142 -9.02 -19.09 -16.48
CA GLY D 142 -9.80 -17.91 -16.90
C GLY D 142 -10.05 -16.90 -15.77
N ALA D 143 -9.98 -17.38 -14.54
CA ALA D 143 -10.02 -16.52 -13.39
C ALA D 143 -8.73 -15.76 -13.29
N HIS D 144 -8.71 -14.76 -12.40
CA HIS D 144 -7.52 -13.96 -12.19
C HIS D 144 -7.15 -14.02 -10.70
N LEU D 145 -5.87 -13.81 -10.35
CA LEU D 145 -5.44 -13.87 -8.96
C LEU D 145 -6.20 -12.94 -8.06
N GLY D 146 -6.55 -11.77 -8.62
CA GLY D 146 -7.37 -10.81 -7.89
C GLY D 146 -8.71 -11.35 -7.41
N ASP D 147 -9.31 -12.29 -8.12
CA ASP D 147 -10.58 -12.88 -7.64
C ASP D 147 -10.41 -13.53 -6.25
N ILE D 148 -9.27 -14.19 -6.03
CA ILE D 148 -8.98 -14.80 -4.73
C ILE D 148 -8.84 -13.76 -3.61
N GLY D 149 -8.07 -12.68 -3.88
CA GLY D 149 -7.89 -11.67 -2.86
C GLY D 149 -9.25 -11.01 -2.55
N GLU D 150 -10.05 -10.74 -3.57
CA GLU D 150 -11.32 -9.97 -3.28
C GLU D 150 -12.26 -10.80 -2.39
N ILE D 151 -12.48 -12.05 -2.77
CA ILE D 151 -13.47 -12.84 -2.03
C ILE D 151 -13.07 -13.08 -0.56
N ILE D 152 -11.76 -13.26 -0.31
CA ILE D 152 -11.25 -13.47 1.06
C ILE D 152 -11.47 -12.18 1.87
N GLN D 153 -11.08 -11.04 1.26
CA GLN D 153 -11.05 -9.76 1.98
C GLN D 153 -12.52 -9.30 2.28
N LYS D 154 -13.44 -9.51 1.35
CA LYS D 154 -14.85 -9.15 1.56
C LYS D 154 -15.43 -9.97 2.72
N HIS D 155 -15.13 -11.27 2.75
CA HIS D 155 -15.67 -12.17 3.82
C HIS D 155 -15.08 -11.84 5.16
N ALA D 156 -13.76 -11.61 5.22
CA ALA D 156 -13.12 -11.10 6.44
C ALA D 156 -13.70 -9.81 6.98
N GLU D 157 -13.74 -8.79 6.13
CA GLU D 157 -14.11 -7.42 6.54
C GLU D 157 -15.58 -7.30 6.95
N LYS D 158 -16.44 -7.94 6.17
CA LYS D 158 -17.86 -8.00 6.44
C LYS D 158 -18.14 -8.60 7.83
N ASN D 159 -17.25 -9.48 8.31
CA ASN D 159 -17.36 -10.13 9.63
C ASN D 159 -16.54 -9.45 10.72
N GLY D 160 -16.01 -8.27 10.41
CA GLY D 160 -15.33 -7.45 11.41
C GLY D 160 -13.85 -7.65 11.52
N PHE D 161 -13.26 -8.46 10.64
CA PHE D 161 -11.83 -8.80 10.74
C PHE D 161 -11.01 -8.04 9.69
N SER D 162 -9.67 -8.09 9.79
CA SER D 162 -8.86 -7.40 8.82
C SER D 162 -7.87 -8.40 8.18
N VAL D 163 -7.33 -8.05 7.02
CA VAL D 163 -6.49 -8.99 6.25
C VAL D 163 -5.05 -8.52 6.35
N VAL D 164 -4.13 -9.40 6.81
CA VAL D 164 -2.71 -9.09 6.79
C VAL D 164 -2.26 -8.79 5.33
N ARG D 165 -1.56 -7.67 5.12
CA ARG D 165 -1.27 -7.18 3.76
C ARG D 165 0.17 -7.52 3.33
N GLU D 166 1.14 -7.60 4.25
CA GLU D 166 2.55 -7.68 3.80
C GLU D 166 3.10 -9.10 3.61
N TYR D 167 2.25 -10.09 3.86
CA TYR D 167 2.61 -11.49 3.66
C TYR D 167 1.59 -12.14 2.71
N CYS D 168 2.05 -13.02 1.85
N CYS D 168 2.08 -13.00 1.84
CA CYS D 168 1.14 -13.59 0.86
CA CYS D 168 1.32 -13.49 0.69
C CYS D 168 1.37 -15.07 0.57
C CYS D 168 1.44 -15.02 0.48
N GLY D 169 0.49 -15.62 -0.24
CA GLY D 169 0.63 -17.03 -0.69
C GLY D 169 1.60 -16.96 -1.87
N HIS D 170 1.91 -18.10 -2.45
CA HIS D 170 3.05 -18.10 -3.42
C HIS D 170 2.93 -19.29 -4.35
N GLY D 171 3.46 -19.20 -5.57
CA GLY D 171 3.58 -20.42 -6.40
C GLY D 171 4.46 -21.44 -5.65
N ILE D 172 4.30 -22.73 -5.96
CA ILE D 172 5.07 -23.79 -5.30
C ILE D 172 5.20 -24.97 -6.27
N GLY D 173 6.29 -25.73 -6.17
CA GLY D 173 6.50 -26.85 -7.09
C GLY D 173 7.76 -27.57 -6.64
N LYS D 174 8.75 -27.64 -7.54
CA LYS D 174 10.07 -28.15 -7.19
C LYS D 174 10.86 -27.04 -6.49
N VAL D 175 10.29 -25.83 -6.40
CA VAL D 175 10.86 -24.85 -5.50
C VAL D 175 9.76 -24.42 -4.48
N PHE D 176 10.22 -24.02 -3.30
CA PHE D 176 9.36 -23.75 -2.16
C PHE D 176 8.48 -22.49 -2.49
N HIS D 177 9.15 -21.39 -2.83
CA HIS D 177 8.46 -20.10 -3.11
C HIS D 177 8.80 -19.59 -4.53
N GLU D 178 7.87 -19.71 -5.44
CA GLU D 178 8.06 -19.20 -6.78
C GLU D 178 6.89 -18.27 -7.15
N GLU D 179 6.90 -17.73 -8.36
CA GLU D 179 5.85 -16.84 -8.82
C GLU D 179 4.58 -17.69 -8.97
N PRO D 180 3.39 -17.08 -8.73
CA PRO D 180 3.17 -15.65 -8.42
C PRO D 180 3.04 -15.39 -6.91
N GLN D 181 3.18 -14.11 -6.49
CA GLN D 181 2.64 -13.62 -5.22
C GLN D 181 1.14 -13.76 -5.21
N VAL D 182 0.57 -14.33 -4.13
CA VAL D 182 -0.87 -14.43 -4.03
C VAL D 182 -1.35 -13.56 -2.87
N LEU D 183 -1.82 -12.35 -3.18
CA LEU D 183 -2.36 -11.45 -2.14
C LEU D 183 -3.72 -11.98 -1.70
N HIS D 184 -4.05 -11.80 -0.43
CA HIS D 184 -5.33 -12.27 0.11
C HIS D 184 -6.29 -11.07 0.22
N TYR D 185 -6.08 -10.08 -0.64
CA TYR D 185 -6.91 -8.87 -0.61
C TYR D 185 -6.79 -8.39 -2.09
N GLY D 186 -7.75 -7.60 -2.55
CA GLY D 186 -7.67 -6.98 -3.89
C GLY D 186 -9.00 -6.95 -4.63
N ARG D 187 -8.92 -6.85 -5.95
CA ARG D 187 -10.12 -6.71 -6.74
C ARG D 187 -10.22 -7.78 -7.81
N ALA D 188 -11.41 -8.36 -7.93
CA ALA D 188 -11.60 -9.42 -8.91
C ALA D 188 -11.33 -8.90 -10.34
N GLY D 189 -10.85 -9.79 -11.19
CA GLY D 189 -10.52 -9.49 -12.58
C GLY D 189 -9.11 -8.97 -12.78
N THR D 190 -8.44 -8.64 -11.70
CA THR D 190 -7.05 -8.16 -11.78
C THR D 190 -5.97 -9.24 -11.45
N GLY D 191 -4.71 -8.89 -11.74
CA GLY D 191 -3.54 -9.73 -11.76
C GLY D 191 -3.57 -10.78 -12.83
N ILE D 192 -2.64 -11.73 -12.72
CA ILE D 192 -2.40 -12.67 -13.79
C ILE D 192 -3.60 -13.59 -13.92
N GLU D 193 -3.76 -14.11 -15.13
CA GLU D 193 -4.83 -15.01 -15.43
C GLU D 193 -4.42 -16.46 -15.13
N LEU D 194 -5.30 -17.17 -14.44
CA LEU D 194 -5.00 -18.53 -14.09
C LEU D 194 -5.10 -19.45 -15.30
N LYS D 195 -4.18 -20.44 -15.39
CA LYS D 195 -4.17 -21.51 -16.40
C LYS D 195 -4.05 -22.86 -15.75
N GLU D 196 -4.64 -23.87 -16.37
CA GLU D 196 -4.45 -25.25 -15.92
C GLU D 196 -2.94 -25.54 -15.73
N GLY D 197 -2.60 -26.34 -14.69
CA GLY D 197 -1.23 -26.64 -14.35
C GLY D 197 -0.44 -25.67 -13.46
N MET D 198 -0.97 -24.47 -13.19
CA MET D 198 -0.39 -23.59 -12.19
C MET D 198 -0.69 -24.19 -10.79
N ILE D 199 0.28 -24.06 -9.87
CA ILE D 199 0.14 -24.54 -8.48
C ILE D 199 0.60 -23.45 -7.55
N PHE D 200 -0.28 -23.11 -6.60
CA PHE D 200 0.16 -22.10 -5.69
C PHE D 200 -0.54 -22.29 -4.37
N THR D 201 -0.12 -21.48 -3.37
CA THR D 201 -0.78 -21.55 -2.08
C THR D 201 -1.82 -20.43 -1.84
N ILE D 202 -2.76 -20.70 -0.93
CA ILE D 202 -3.74 -19.70 -0.46
C ILE D 202 -3.66 -19.88 1.04
N GLU D 203 -3.16 -18.85 1.74
CA GLU D 203 -2.78 -18.94 3.12
C GLU D 203 -3.12 -17.64 3.83
N PRO D 204 -4.38 -17.25 3.83
CA PRO D 204 -4.71 -15.95 4.43
C PRO D 204 -4.47 -15.90 5.96
N MET D 205 -3.88 -14.80 6.42
CA MET D 205 -3.78 -14.44 7.81
C MET D 205 -4.79 -13.35 8.03
N ILE D 206 -5.62 -13.53 9.04
CA ILE D 206 -6.81 -12.67 9.26
C ILE D 206 -6.74 -12.30 10.72
N ASN D 207 -6.90 -10.99 11.01
CA ASN D 207 -6.62 -10.47 12.34
C ASN D 207 -7.91 -10.09 13.08
N GLN D 208 -7.93 -10.33 14.39
CA GLN D 208 -9.08 -9.91 15.19
C GLN D 208 -9.25 -8.38 15.21
N GLY D 209 -8.15 -7.64 15.26
CA GLY D 209 -8.22 -6.15 15.27
C GLY D 209 -7.69 -5.56 13.96
N ARG D 210 -6.67 -4.73 14.05
CA ARG D 210 -6.07 -4.00 12.92
C ARG D 210 -5.18 -4.95 12.06
N PRO D 211 -5.03 -4.65 10.75
CA PRO D 211 -4.23 -5.51 9.84
C PRO D 211 -2.71 -5.53 10.10
N GLU D 212 -2.16 -4.51 10.80
CA GLU D 212 -0.70 -4.30 10.76
C GLU D 212 0.03 -5.33 11.55
N THR D 213 1.26 -5.60 11.18
CA THR D 213 2.10 -6.56 11.90
C THR D 213 3.44 -5.91 12.22
N ARG D 214 4.22 -6.59 13.03
CA ARG D 214 5.52 -6.12 13.53
C ARG D 214 6.40 -7.37 13.58
N LEU D 215 7.64 -7.31 13.07
CA LEU D 215 8.59 -8.44 13.16
C LEU D 215 9.37 -8.40 14.49
N LEU D 216 9.39 -9.49 15.24
CA LEU D 216 10.24 -9.50 16.46
C LEU D 216 11.74 -9.60 16.19
N GLY D 217 12.53 -9.55 17.25
CA GLY D 217 13.99 -9.68 17.18
C GLY D 217 14.59 -10.94 16.58
N ASP D 218 13.91 -12.08 16.64
CA ASP D 218 14.47 -13.28 15.97
C ASP D 218 14.49 -13.18 14.44
N GLY D 219 13.93 -12.11 13.87
CA GLY D 219 13.91 -11.96 12.41
C GLY D 219 12.85 -12.81 11.68
N TRP D 220 12.08 -13.58 12.47
CA TRP D 220 11.05 -14.47 11.88
C TRP D 220 9.61 -14.24 12.39
N THR D 221 9.47 -14.09 13.71
CA THR D 221 8.18 -14.20 14.35
C THR D 221 7.49 -12.88 14.12
N ALA D 222 6.44 -12.89 13.30
CA ALA D 222 5.57 -11.72 13.08
C ALA D 222 4.32 -11.73 13.99
N ILE D 223 3.96 -10.57 14.59
CA ILE D 223 2.87 -10.51 15.58
C ILE D 223 1.96 -9.35 15.12
N THR D 224 0.71 -9.37 15.56
CA THR D 224 -0.19 -8.24 15.27
C THR D 224 0.32 -6.99 16.06
N LYS D 225 0.28 -5.83 15.41
CA LYS D 225 0.75 -4.59 16.04
C LYS D 225 -0.07 -4.22 17.28
N ASP D 226 -1.37 -4.50 17.25
CA ASP D 226 -2.25 -4.29 18.42
C ASP D 226 -2.25 -5.45 19.44
N ARG D 227 -1.54 -6.55 19.15
N ARG D 227 -1.58 -6.55 19.08
CA ARG D 227 -1.47 -7.72 20.07
CA ARG D 227 -1.44 -7.71 19.97
C ARG D 227 -2.80 -8.44 20.17
C ARG D 227 -2.74 -8.46 20.13
N LYS D 228 -3.70 -8.24 19.24
CA LYS D 228 -4.92 -9.06 19.24
C LYS D 228 -4.71 -10.40 18.47
N LEU D 229 -5.72 -11.25 18.40
CA LEU D 229 -5.52 -12.59 17.82
C LEU D 229 -5.32 -12.52 16.30
N SER D 230 -4.63 -13.52 15.75
CA SER D 230 -4.55 -13.71 14.30
C SER D 230 -4.63 -15.20 13.96
N ALA D 231 -5.32 -15.52 12.85
CA ALA D 231 -5.47 -16.92 12.46
C ALA D 231 -5.08 -17.11 10.99
N GLN D 232 -4.62 -18.32 10.64
CA GLN D 232 -4.20 -18.63 9.28
C GLN D 232 -4.65 -20.05 8.98
N TRP D 233 -5.01 -20.32 7.74
CA TRP D 233 -5.16 -21.70 7.27
C TRP D 233 -4.51 -21.68 5.89
N GLU D 234 -3.88 -22.78 5.50
CA GLU D 234 -3.23 -22.79 4.20
C GLU D 234 -3.56 -24.10 3.43
N HIS D 235 -3.67 -24.00 2.12
CA HIS D 235 -3.65 -25.21 1.31
C HIS D 235 -2.83 -24.96 0.04
N THR D 236 -2.24 -26.05 -0.48
CA THR D 236 -1.61 -26.04 -1.79
C THR D 236 -2.66 -26.35 -2.89
N VAL D 237 -2.77 -25.47 -3.91
CA VAL D 237 -3.89 -25.55 -4.81
C VAL D 237 -3.42 -25.74 -6.30
N LEU D 238 -3.94 -26.77 -6.97
CA LEU D 238 -3.76 -26.96 -8.44
C LEU D 238 -4.93 -26.40 -9.26
N VAL D 239 -4.62 -25.58 -10.27
CA VAL D 239 -5.64 -25.17 -11.27
C VAL D 239 -5.78 -26.42 -12.25
N THR D 240 -6.96 -27.04 -12.26
CA THR D 240 -7.25 -28.18 -13.16
C THR D 240 -7.98 -27.64 -14.40
N ALA D 241 -8.56 -28.52 -15.20
CA ALA D 241 -9.18 -28.06 -16.44
C ALA D 241 -10.40 -27.15 -16.21
N ASP D 242 -11.19 -27.43 -15.18
CA ASP D 242 -12.45 -26.66 -14.96
C ASP D 242 -12.68 -26.16 -13.54
N GLY D 243 -11.59 -26.12 -12.75
CA GLY D 243 -11.63 -25.56 -11.40
C GLY D 243 -10.33 -25.81 -10.67
N TYR D 244 -10.45 -26.41 -9.51
CA TYR D 244 -9.30 -26.51 -8.63
C TYR D 244 -9.19 -27.94 -8.13
N GLU D 245 -7.99 -28.27 -7.63
CA GLU D 245 -7.78 -29.44 -6.82
C GLU D 245 -6.95 -29.04 -5.55
N ILE D 246 -7.41 -29.43 -4.35
CA ILE D 246 -6.67 -29.11 -3.14
C ILE D 246 -5.78 -30.28 -2.92
N LEU D 247 -4.49 -30.08 -3.15
CA LEU D 247 -3.48 -31.14 -3.04
C LEU D 247 -3.18 -31.57 -1.59
N THR D 248 -3.42 -30.64 -0.65
CA THR D 248 -3.20 -30.85 0.73
C THR D 248 -4.52 -31.09 1.53
N LEU D 249 -5.58 -31.62 0.87
CA LEU D 249 -6.87 -31.89 1.60
C LEU D 249 -6.67 -32.97 2.68
N ARG D 250 -7.26 -32.83 3.88
CA ARG D 250 -7.08 -33.86 4.93
C ARG D 250 -8.37 -34.63 4.96
N ASN D 251 -8.37 -35.83 5.53
CA ASN D 251 -9.64 -36.51 5.63
C ASN D 251 -10.59 -35.95 6.71
N ASP D 252 -10.11 -35.04 7.55
CA ASP D 252 -11.02 -34.41 8.51
C ASP D 252 -11.75 -33.23 7.82
N GLU D 253 -11.55 -33.02 6.52
CA GLU D 253 -12.15 -31.87 5.85
C GLU D 253 -13.34 -32.30 5.03
N THR D 254 -14.37 -31.46 5.05
CA THR D 254 -15.58 -31.78 4.31
C THR D 254 -15.73 -30.92 3.04
N PHE D 255 -14.96 -29.83 2.91
CA PHE D 255 -14.95 -29.04 1.67
C PHE D 255 -14.47 -29.96 0.53
N PRO D 256 -15.13 -29.91 -0.63
CA PRO D 256 -14.68 -30.86 -1.67
C PRO D 256 -13.20 -30.71 -2.13
N ARG D 257 -12.54 -31.85 -2.33
CA ARG D 257 -11.21 -31.92 -2.94
C ARG D 257 -11.01 -31.13 -4.26
N THR D 258 -12.02 -31.16 -5.17
CA THR D 258 -12.03 -30.54 -6.51
C THR D 258 -13.43 -29.96 -6.84
N SER D 259 -13.49 -29.09 -7.87
CA SER D 259 -14.72 -28.41 -8.23
C SER D 259 -15.72 -29.30 -9.00
N ALA D 260 -15.32 -30.53 -9.31
CA ALA D 260 -16.16 -31.50 -10.05
C ALA D 260 -16.25 -32.89 -9.36
#